data_1ZP9
#
_entry.id   1ZP9
#
_cell.length_a   53.306
_cell.length_b   80.373
_cell.length_c   121.320
_cell.angle_alpha   90.00
_cell.angle_beta   90.02
_cell.angle_gamma   90.00
#
_symmetry.space_group_name_H-M   'P 1 21 1'
#
loop_
_entity.id
_entity.type
_entity.pdbx_description
1 polymer 'Rio1 kinase'
2 non-polymer 'MANGANESE (II) ION'
3 non-polymer "ADENOSINE-5'-TRIPHOSPHATE"
4 water water
#
_entity_poly.entity_id   1
_entity_poly.type   'polypeptide(L)'
_entity_poly.pdbx_seq_one_letter_code
;(MSE)KDLKKIESYLDKLRIKEKDGEERKIYAEVLDGRTLKTLYKLSAKGYITA(MSE)GGVISTGKEANVFYADGVFDG
KPVA(MSE)AVKIYRIETSEFDK(MSE)DEYLYGDERFD(MSE)RRISPKEKVFIWTEKEFRNLERAKEAGVSVPQPYTY
(MSE)KNVLL(MSE)EFIGEDELPAPTLVELGRELKELDVEGIFNDVVENVKRLYQEAELVHADLSEYNI(MSE)YIDKV
YFID(MSE)GQAVTLRHP(MSE)AESYLERDVRNIIRFFSKYGVKADFEE(MSE)LKEVKGE
;
_entity_poly.pdbx_strand_id   A,B,C,D
#
loop_
_chem_comp.id
_chem_comp.type
_chem_comp.name
_chem_comp.formula
ATP non-polymer ADENOSINE-5'-TRIPHOSPHATE 'C10 H16 N5 O13 P3'
MN non-polymer 'MANGANESE (II) ION' 'Mn 2'
#
# COMPACT_ATOMS: atom_id res chain seq x y z
N ASP A 3 48.25 14.56 42.10
CA ASP A 3 47.70 15.69 41.29
C ASP A 3 46.32 16.14 41.82
N LEU A 4 45.69 15.30 42.65
CA LEU A 4 44.42 15.64 43.31
C LEU A 4 44.57 16.82 44.25
N LYS A 5 45.68 16.83 44.98
CA LYS A 5 46.01 17.92 45.91
C LYS A 5 46.15 19.27 45.20
N LYS A 6 46.86 19.24 44.07
CA LYS A 6 46.99 20.41 43.18
C LYS A 6 45.63 20.92 42.70
N ILE A 7 44.75 20.01 42.27
CA ILE A 7 43.42 20.38 41.76
C ILE A 7 42.59 21.10 42.84
N GLU A 8 42.43 20.43 43.97
CA GLU A 8 41.70 20.98 45.12
C GLU A 8 42.23 22.36 45.52
N SER A 9 43.56 22.51 45.51
CA SER A 9 44.14 23.80 45.84
C SER A 9 43.74 24.89 44.85
N TYR A 10 43.85 24.60 43.56
CA TYR A 10 43.45 25.59 42.56
C TYR A 10 41.96 25.82 42.64
N LEU A 11 41.19 24.78 42.92
CA LEU A 11 39.75 24.98 43.01
C LEU A 11 39.41 25.95 44.13
N ASP A 12 40.13 25.83 45.26
CA ASP A 12 40.03 26.84 46.32
C ASP A 12 40.39 28.28 45.86
N LYS A 13 41.56 28.40 45.23
CA LYS A 13 42.03 29.70 44.74
C LYS A 13 41.07 30.29 43.70
N LEU A 14 40.48 29.41 42.89
CA LEU A 14 39.53 29.86 41.88
C LEU A 14 38.14 30.17 42.51
N ARG A 15 37.97 29.81 43.79
CA ARG A 15 36.72 30.04 44.52
C ARG A 15 35.60 29.17 43.95
N ILE A 16 35.94 27.93 43.60
CA ILE A 16 34.92 26.98 43.15
C ILE A 16 34.58 26.20 44.44
N LYS A 17 33.46 26.58 45.04
CA LYS A 17 33.17 26.20 46.42
C LYS A 17 32.30 24.96 46.46
N GLU A 18 32.35 24.26 47.60
CA GLU A 18 31.47 23.10 47.87
C GLU A 18 30.01 23.44 47.65
N LYS A 19 29.59 24.62 48.09
CA LYS A 19 28.18 24.99 47.99
C LYS A 19 27.69 25.30 46.57
N ASP A 20 28.62 25.49 45.61
CA ASP A 20 28.27 25.89 44.24
C ASP A 20 27.72 24.67 43.47
N GLY A 21 26.82 23.96 44.13
CA GLY A 21 26.17 22.81 43.56
C GLY A 21 27.14 21.67 43.37
N GLU A 22 27.00 21.05 42.22
CA GLU A 22 27.78 19.93 41.79
C GLU A 22 29.07 20.39 41.12
N GLU A 23 29.26 21.70 40.98
CA GLU A 23 30.43 22.25 40.25
C GLU A 23 31.80 21.76 40.65
N ARG A 24 32.15 21.85 41.94
CA ARG A 24 33.49 21.52 42.40
C ARG A 24 33.83 20.07 42.04
N LYS A 25 32.89 19.15 42.21
CA LYS A 25 33.14 17.73 41.89
C LYS A 25 33.30 17.59 40.38
N ILE A 26 32.52 18.32 39.59
CA ILE A 26 32.67 18.19 38.13
C ILE A 26 34.03 18.80 37.70
N TYR A 27 34.31 20.05 38.07
CA TYR A 27 35.62 20.63 37.74
C TYR A 27 36.80 19.69 38.12
N ALA A 28 36.79 19.14 39.33
CA ALA A 28 37.93 18.34 39.86
C ALA A 28 38.11 17.07 39.09
N GLU A 29 37.04 16.52 38.52
CA GLU A 29 37.17 15.31 37.70
C GLU A 29 37.48 15.62 36.25
N VAL A 30 36.83 16.62 35.64
CA VAL A 30 37.02 16.88 34.19
C VAL A 30 38.29 17.65 33.78
N LEU A 31 38.80 18.48 34.69
CA LEU A 31 40.01 19.29 34.44
C LEU A 31 41.20 18.64 35.14
N ASP A 32 42.42 19.09 34.87
CA ASP A 32 43.58 18.59 35.59
C ASP A 32 44.31 19.75 36.24
N GLY A 33 45.33 19.46 37.06
CA GLY A 33 46.07 20.53 37.74
C GLY A 33 46.63 21.57 36.80
N ARG A 34 47.22 21.13 35.70
CA ARG A 34 47.88 22.10 34.82
C ARG A 34 46.87 23.01 34.09
N THR A 35 45.74 22.44 33.68
CA THR A 35 44.62 23.24 33.21
C THR A 35 44.26 24.33 34.23
N LEU A 36 44.00 23.97 35.49
CA LEU A 36 43.50 24.95 36.48
C LEU A 36 44.57 26.03 36.73
N LYS A 37 45.84 25.65 36.63
CA LYS A 37 46.97 26.61 36.64
C LYS A 37 46.86 27.65 35.53
N THR A 38 46.59 27.19 34.30
CA THR A 38 46.35 28.13 33.22
C THR A 38 45.15 29.03 33.49
N LEU A 39 44.03 28.48 33.97
CA LEU A 39 42.83 29.30 34.36
C LEU A 39 43.19 30.34 35.43
N TYR A 40 44.00 29.93 36.40
CA TYR A 40 44.40 30.89 37.44
C TYR A 40 45.38 31.94 36.86
N LYS A 41 46.19 31.59 35.88
CA LYS A 41 47.05 32.64 35.26
C LYS A 41 46.17 33.62 34.47
N LEU A 42 45.12 33.09 33.82
CA LEU A 42 44.13 33.94 33.11
C LEU A 42 43.35 34.88 34.04
N SER A 43 43.06 34.42 35.25
CA SER A 43 42.42 35.26 36.28
C SER A 43 43.37 36.35 36.72
N ALA A 44 44.58 35.97 37.11
CA ALA A 44 45.67 36.93 37.45
C ALA A 44 45.89 38.03 36.39
N LYS A 45 45.86 37.64 35.12
CA LYS A 45 46.04 38.57 34.02
C LYS A 45 44.83 39.44 33.81
N GLY A 46 43.71 39.15 34.48
CA GLY A 46 42.54 40.01 34.38
C GLY A 46 41.50 39.55 33.36
N TYR A 47 41.74 38.48 32.62
CA TYR A 47 40.70 37.99 31.70
C TYR A 47 39.47 37.40 32.44
N ILE A 48 39.71 36.55 33.43
CA ILE A 48 38.64 35.85 34.23
C ILE A 48 38.48 36.57 35.59
N THR A 49 37.26 36.98 35.92
CA THR A 49 36.95 37.50 37.28
C THR A 49 36.46 36.35 38.12
N ALA A 50 35.59 35.51 37.58
CA ALA A 50 35.05 34.41 38.38
C ALA A 50 34.64 33.28 37.47
N MSE A 51 35.22 32.09 37.66
CA MSE A 51 34.69 30.84 37.04
C MSE A 51 33.27 30.54 37.57
O MSE A 51 33.02 30.72 38.77
CB MSE A 51 35.59 29.61 37.29
CG MSE A 51 37.00 29.55 36.62
SE MSE A 51 36.90 29.89 34.71
CE MSE A 51 35.86 28.32 34.06
N GLY A 52 32.34 30.11 36.71
CA GLY A 52 30.97 29.82 37.08
C GLY A 52 30.53 28.37 36.84
N GLY A 53 29.28 28.19 36.42
CA GLY A 53 28.70 26.85 36.32
C GLY A 53 29.28 26.07 35.17
N VAL A 54 29.08 24.75 35.19
CA VAL A 54 29.50 23.82 34.15
C VAL A 54 28.43 23.87 33.06
N ILE A 55 28.84 24.06 31.80
CA ILE A 55 27.89 24.18 30.68
C ILE A 55 27.86 22.85 29.92
N SER A 56 29.01 22.23 29.66
CA SER A 56 29.04 20.98 28.94
C SER A 56 30.28 20.17 29.29
N THR A 57 30.13 18.85 29.39
CA THR A 57 31.29 17.99 29.56
C THR A 57 31.28 16.94 28.47
N GLY A 58 32.38 16.85 27.73
CA GLY A 58 32.48 15.96 26.58
C GLY A 58 33.68 15.05 26.62
N LYS A 59 33.86 14.28 25.53
CA LYS A 59 35.06 13.48 25.31
C LYS A 59 36.26 14.33 24.89
N GLU A 60 36.02 15.44 24.20
CA GLU A 60 37.12 16.28 23.70
C GLU A 60 37.30 17.58 24.44
N ALA A 61 36.18 18.15 24.89
CA ALA A 61 36.15 19.48 25.45
C ALA A 61 35.19 19.58 26.65
N ASN A 62 35.44 20.55 27.51
CA ASN A 62 34.52 20.97 28.60
C ASN A 62 34.28 22.46 28.49
N VAL A 63 33.07 22.91 28.74
CA VAL A 63 32.71 24.31 28.58
C VAL A 63 32.07 24.79 29.88
N PHE A 64 32.52 25.95 30.36
CA PHE A 64 32.10 26.48 31.66
C PHE A 64 31.69 27.93 31.43
N TYR A 65 30.82 28.45 32.28
CA TYR A 65 30.55 29.89 32.34
C TYR A 65 31.65 30.61 33.13
N ALA A 66 31.96 31.86 32.74
CA ALA A 66 32.74 32.78 33.60
C ALA A 66 32.34 34.24 33.42
N ASP A 67 32.46 35.00 34.49
CA ASP A 67 32.58 36.43 34.36
C ASP A 67 34.03 36.78 34.11
N GLY A 68 34.25 37.71 33.20
CA GLY A 68 35.59 38.09 32.83
C GLY A 68 35.64 39.52 32.35
N VAL A 69 36.78 39.91 31.78
CA VAL A 69 36.94 41.27 31.26
C VAL A 69 37.66 41.11 29.96
N PHE A 70 37.15 41.81 28.95
CA PHE A 70 37.79 41.89 27.63
C PHE A 70 37.67 43.31 27.12
N ASP A 71 38.79 43.86 26.62
CA ASP A 71 38.82 45.17 25.95
C ASP A 71 38.26 46.26 26.85
N GLY A 72 38.67 46.21 28.12
CA GLY A 72 38.29 47.19 29.13
C GLY A 72 36.91 47.02 29.72
N LYS A 73 36.12 46.05 29.29
CA LYS A 73 34.81 45.95 29.92
C LYS A 73 34.38 44.53 30.38
N PRO A 74 33.59 44.47 31.47
CA PRO A 74 33.10 43.18 31.97
C PRO A 74 32.26 42.46 30.89
N VAL A 75 32.50 41.18 30.71
CA VAL A 75 31.75 40.42 29.69
C VAL A 75 31.37 39.10 30.31
N ALA A 76 30.34 38.46 29.75
CA ALA A 76 30.02 37.06 30.04
C ALA A 76 30.79 36.19 29.05
N MSE A 77 31.42 35.15 29.61
CA MSE A 77 32.30 34.27 28.84
C MSE A 77 31.85 32.81 28.89
O MSE A 77 31.31 32.35 29.90
CB MSE A 77 33.71 34.37 29.37
CG MSE A 77 34.32 35.77 29.21
SE MSE A 77 36.19 35.59 29.89
CE MSE A 77 37.02 37.19 29.08
N ALA A 78 32.04 32.15 27.75
CA ALA A 78 32.12 30.71 27.62
C ALA A 78 33.59 30.39 27.66
N VAL A 79 33.96 29.49 28.56
CA VAL A 79 35.34 29.04 28.69
C VAL A 79 35.34 27.63 28.15
N LYS A 80 36.00 27.43 27.00
CA LYS A 80 36.08 26.10 26.44
C LYS A 80 37.49 25.57 26.64
N ILE A 81 37.56 24.33 27.12
CA ILE A 81 38.81 23.69 27.51
C ILE A 81 38.94 22.32 26.86
N TYR A 82 39.98 22.15 26.05
CA TYR A 82 40.23 20.89 25.40
C TYR A 82 41.03 20.01 26.34
N ARG A 83 40.55 18.77 26.48
CA ARG A 83 41.25 17.77 27.27
C ARG A 83 42.65 17.49 26.72
N ILE A 84 43.60 17.29 27.62
CA ILE A 84 44.95 16.92 27.24
C ILE A 84 45.22 15.42 27.46
N MSE A 92 40.62 13.67 14.92
CA MSE A 92 41.20 15.01 14.91
C MSE A 92 42.16 15.20 13.74
O MSE A 92 42.25 16.29 13.17
CB MSE A 92 41.94 15.29 16.23
CG MSE A 92 41.48 16.54 17.00
SE MSE A 92 42.66 17.17 18.50
CE MSE A 92 44.20 17.77 17.44
N ASP A 93 42.84 14.12 13.37
CA ASP A 93 43.97 14.17 12.43
C ASP A 93 43.64 14.65 11.02
N GLU A 94 42.64 14.05 10.41
CA GLU A 94 42.24 14.40 9.05
C GLU A 94 41.95 15.90 8.92
N TYR A 95 41.57 16.52 10.04
CA TYR A 95 41.20 17.94 10.08
C TYR A 95 42.36 18.90 10.40
N LEU A 96 43.55 18.34 10.66
CA LEU A 96 44.77 19.10 10.99
C LEU A 96 45.74 19.04 9.83
N TYR A 97 46.11 17.81 9.48
CA TYR A 97 46.79 17.47 8.25
C TYR A 97 45.93 17.90 7.08
N GLY A 98 46.56 18.49 6.07
CA GLY A 98 45.81 19.04 4.96
C GLY A 98 45.51 20.51 5.17
N ASP A 99 45.48 20.94 6.43
CA ASP A 99 45.35 22.36 6.73
C ASP A 99 46.74 22.93 6.89
N GLU A 100 47.17 23.56 5.81
CA GLU A 100 48.53 23.99 5.65
C GLU A 100 48.87 25.13 6.59
N ARG A 101 47.85 25.80 7.13
CA ARG A 101 48.07 26.88 8.10
C ARG A 101 48.95 26.41 9.25
N PHE A 102 48.83 25.14 9.57
CA PHE A 102 49.53 24.56 10.71
C PHE A 102 50.65 23.66 10.26
N ASP A 103 51.87 24.12 10.58
CA ASP A 103 53.11 23.37 10.38
C ASP A 103 53.23 22.27 11.44
N MSE A 104 53.00 21.03 11.02
CA MSE A 104 52.87 19.90 11.95
C MSE A 104 54.21 19.29 12.39
O MSE A 104 54.56 18.15 12.05
CB MSE A 104 51.95 18.83 11.36
CG MSE A 104 50.52 19.31 11.16
SE MSE A 104 49.66 19.77 12.86
CE MSE A 104 49.36 17.94 13.59
N PRO A 109 50.51 14.53 20.83
CA PRO A 109 49.51 14.44 21.88
C PRO A 109 49.22 15.79 22.54
N LYS A 110 50.16 16.25 23.38
CA LYS A 110 49.98 17.47 24.15
C LYS A 110 50.01 18.71 23.25
N GLU A 111 51.03 18.79 22.41
CA GLU A 111 51.17 19.93 21.53
C GLU A 111 50.01 19.96 20.57
N LYS A 112 49.63 18.78 20.07
CA LYS A 112 48.46 18.60 19.20
C LYS A 112 47.19 19.26 19.78
N VAL A 113 47.01 19.21 21.11
CA VAL A 113 45.80 19.84 21.72
C VAL A 113 45.91 21.36 21.73
N PHE A 114 47.12 21.86 21.97
CA PHE A 114 47.35 23.27 21.90
C PHE A 114 47.18 23.85 20.49
N ILE A 115 47.57 23.10 19.44
CA ILE A 115 47.36 23.55 18.04
C ILE A 115 45.87 23.62 17.76
N TRP A 116 45.18 22.58 18.16
CA TRP A 116 43.72 22.48 17.99
C TRP A 116 42.98 23.66 18.64
N THR A 117 43.35 23.96 19.88
CA THR A 117 42.85 25.17 20.53
C THR A 117 43.10 26.43 19.70
N GLU A 118 44.34 26.60 19.27
CA GLU A 118 44.68 27.77 18.48
C GLU A 118 43.88 27.72 17.18
N LYS A 119 43.78 26.53 16.58
CA LYS A 119 42.98 26.37 15.34
C LYS A 119 41.60 26.93 15.49
N GLU A 120 40.91 26.55 16.59
CA GLU A 120 39.52 26.95 16.77
C GLU A 120 39.46 28.47 16.95
N PHE A 121 40.39 29.00 17.71
CA PHE A 121 40.49 30.44 17.93
C PHE A 121 40.67 31.21 16.63
N ARG A 122 41.59 30.73 15.79
CA ARG A 122 41.88 31.40 14.53
C ARG A 122 40.69 31.32 13.59
N ASN A 123 39.94 30.20 13.66
CA ASN A 123 38.77 29.99 12.83
C ASN A 123 37.67 30.92 13.30
N LEU A 124 37.46 31.01 14.62
CA LEU A 124 36.48 31.98 15.16
C LEU A 124 36.78 33.38 14.64
N GLU A 125 38.01 33.84 14.82
CA GLU A 125 38.43 35.16 14.37
C GLU A 125 38.18 35.39 12.89
N ARG A 126 38.58 34.41 12.07
CA ARG A 126 38.40 34.41 10.59
C ARG A 126 36.95 34.52 10.18
N ALA A 127 36.14 33.64 10.78
CA ALA A 127 34.68 33.60 10.57
C ALA A 127 34.03 34.91 11.01
N LYS A 128 34.44 35.40 12.18
CA LYS A 128 33.89 36.65 12.69
C LYS A 128 34.25 37.84 11.79
N GLU A 129 35.48 37.87 11.28
CA GLU A 129 35.88 39.00 10.44
C GLU A 129 35.07 39.06 9.11
N ALA A 130 34.73 37.88 8.60
CA ALA A 130 33.93 37.67 7.40
C ALA A 130 32.44 37.99 7.57
N GLY A 131 32.03 38.29 8.78
CA GLY A 131 30.62 38.53 9.07
C GLY A 131 29.77 37.30 9.40
N VAL A 132 30.40 36.14 9.62
CA VAL A 132 29.68 34.97 10.12
C VAL A 132 29.31 35.16 11.63
N SER A 133 28.09 34.75 11.99
CA SER A 133 27.62 34.83 13.39
C SER A 133 28.19 33.67 14.15
N VAL A 134 29.34 33.93 14.79
CA VAL A 134 30.02 33.04 15.75
C VAL A 134 30.24 33.85 17.04
N PRO A 135 30.55 33.18 18.20
CA PRO A 135 30.80 33.98 19.41
C PRO A 135 32.03 34.85 19.21
N GLN A 136 31.99 36.11 19.67
CA GLN A 136 33.21 36.96 19.59
C GLN A 136 34.37 36.23 20.27
N PRO A 137 35.52 35.96 19.57
CA PRO A 137 36.61 35.35 20.31
C PRO A 137 37.46 36.35 21.10
N TYR A 138 37.89 35.96 22.30
CA TYR A 138 38.56 36.93 23.16
C TYR A 138 40.03 36.60 23.24
N THR A 139 40.37 35.43 23.82
CA THR A 139 41.78 35.02 23.87
C THR A 139 41.86 33.52 24.02
N TYR A 140 43.06 32.95 23.87
CA TYR A 140 43.27 31.53 24.19
C TYR A 140 44.59 31.45 24.92
N MSE A 141 44.80 30.35 25.61
CA MSE A 141 46.09 30.08 26.21
C MSE A 141 46.11 28.58 26.39
O MSE A 141 45.17 28.01 26.97
CB MSE A 141 46.22 30.77 27.57
CG MSE A 141 47.43 30.32 28.34
SE MSE A 141 47.83 31.51 29.88
CE MSE A 141 49.11 32.66 28.87
N LYS A 142 47.18 27.97 25.91
CA LYS A 142 47.35 26.52 25.93
C LYS A 142 46.07 25.82 25.47
N ASN A 143 45.37 25.11 26.38
CA ASN A 143 44.18 24.31 26.01
C ASN A 143 42.86 25.01 26.33
N VAL A 144 42.92 26.31 26.65
CA VAL A 144 41.76 27.09 27.08
C VAL A 144 41.48 28.18 26.08
N LEU A 145 40.20 28.30 25.70
CA LEU A 145 39.74 29.27 24.72
C LEU A 145 38.66 30.06 25.44
N LEU A 146 38.76 31.39 25.41
CA LEU A 146 37.73 32.26 26.01
C LEU A 146 36.98 32.94 24.92
N MSE A 147 35.66 32.95 25.01
CA MSE A 147 34.85 33.56 23.98
C MSE A 147 33.57 34.16 24.54
O MSE A 147 33.22 33.89 25.67
CB MSE A 147 34.53 32.52 22.87
CG MSE A 147 33.44 31.54 23.24
SE MSE A 147 33.27 30.16 21.90
CE MSE A 147 34.25 28.80 22.71
N GLU A 148 32.84 34.90 23.72
CA GLU A 148 31.55 35.47 24.09
C GLU A 148 30.56 34.39 24.56
N PHE A 149 29.89 34.64 25.70
CA PHE A 149 28.80 33.78 26.17
C PHE A 149 27.52 34.05 25.39
N ILE A 150 27.00 33.01 24.77
CA ILE A 150 25.78 33.12 23.97
C ILE A 150 24.64 32.60 24.83
N GLY A 151 23.75 33.50 25.23
CA GLY A 151 22.69 33.15 26.15
C GLY A 151 22.45 34.32 27.10
N GLU A 152 21.75 34.04 28.19
CA GLU A 152 21.53 35.10 29.16
C GLU A 152 21.37 34.60 30.57
N ASP A 153 21.85 35.41 31.51
CA ASP A 153 21.79 35.12 32.94
C ASP A 153 22.37 33.76 33.24
N GLU A 154 23.51 33.49 32.61
CA GLU A 154 24.30 32.27 32.82
C GLU A 154 23.58 31.00 32.32
N LEU A 155 22.45 31.16 31.65
CA LEU A 155 21.81 30.05 30.95
C LEU A 155 22.26 30.09 29.48
N PRO A 156 22.90 29.02 28.98
CA PRO A 156 23.28 28.97 27.57
C PRO A 156 22.05 29.02 26.64
N ALA A 157 22.16 29.74 25.51
CA ALA A 157 21.14 29.61 24.45
C ALA A 157 21.00 28.17 23.98
N PRO A 158 19.79 27.76 23.59
CA PRO A 158 19.62 26.37 23.15
C PRO A 158 20.26 26.10 21.77
N THR A 159 20.78 24.90 21.54
CA THR A 159 21.17 24.54 20.18
C THR A 159 19.87 24.23 19.47
N LEU A 160 19.95 24.00 18.17
CA LEU A 160 18.76 23.64 17.41
C LEU A 160 18.08 22.35 17.85
N VAL A 161 18.87 21.35 18.24
CA VAL A 161 18.30 20.13 18.80
C VAL A 161 17.56 20.39 20.12
N GLU A 162 18.15 21.22 20.96
CA GLU A 162 17.60 21.58 22.25
C GLU A 162 16.27 22.32 22.08
N LEU A 163 16.21 23.20 21.09
CA LEU A 163 14.96 23.85 20.72
C LEU A 163 13.81 22.86 20.51
N GLY A 164 14.03 21.88 19.64
CA GLY A 164 13.13 20.77 19.51
C GLY A 164 11.94 21.24 18.73
N ARG A 165 10.75 20.73 19.08
CA ARG A 165 9.58 21.12 18.31
C ARG A 165 9.03 22.54 18.66
N GLU A 166 9.68 23.21 19.62
CA GLU A 166 9.55 24.67 19.82
C GLU A 166 9.87 25.47 18.54
N LEU A 167 10.66 24.85 17.66
CA LEU A 167 10.93 25.39 16.35
C LEU A 167 9.69 25.58 15.51
N LYS A 168 8.72 24.67 15.65
CA LYS A 168 7.46 24.78 14.91
C LYS A 168 6.70 26.07 15.23
N GLU A 169 7.02 26.69 16.36
CA GLU A 169 6.34 27.92 16.77
C GLU A 169 7.11 29.15 16.33
N LEU A 170 8.32 28.92 15.81
CA LEU A 170 9.18 30.00 15.33
C LEU A 170 9.09 30.14 13.80
N ASP A 171 9.78 31.12 13.25
CA ASP A 171 9.83 31.25 11.80
C ASP A 171 10.92 30.29 11.27
N VAL A 172 10.60 29.02 11.06
CA VAL A 172 11.62 28.01 10.78
C VAL A 172 12.35 28.30 9.48
N GLU A 173 11.60 28.81 8.50
CA GLU A 173 12.12 29.08 7.19
C GLU A 173 13.12 30.23 7.29
N GLY A 174 12.73 31.27 8.02
CA GLY A 174 13.64 32.32 8.44
C GLY A 174 14.90 31.84 9.10
N ILE A 175 14.77 30.95 10.07
CA ILE A 175 15.96 30.34 10.72
C ILE A 175 16.80 29.59 9.71
N PHE A 176 16.17 28.72 8.91
CA PHE A 176 16.87 28.08 7.79
C PHE A 176 17.69 29.06 6.91
N ASN A 177 17.02 30.07 6.41
CA ASN A 177 17.69 31.05 5.55
C ASN A 177 18.86 31.79 6.27
N ASP A 178 18.70 32.06 7.57
CA ASP A 178 19.79 32.53 8.46
C ASP A 178 20.98 31.55 8.44
N VAL A 179 20.69 30.27 8.65
CA VAL A 179 21.73 29.26 8.56
C VAL A 179 22.41 29.30 7.21
N VAL A 180 21.63 29.31 6.14
CA VAL A 180 22.25 29.22 4.80
C VAL A 180 23.17 30.43 4.55
N GLU A 181 22.70 31.60 4.95
CA GLU A 181 23.45 32.84 4.73
C GLU A 181 24.80 32.83 5.47
N ASN A 182 24.80 32.26 6.66
CA ASN A 182 25.99 32.16 7.47
C ASN A 182 26.95 31.16 6.82
N VAL A 183 26.46 30.05 6.29
CA VAL A 183 27.35 29.12 5.55
C VAL A 183 27.94 29.77 4.29
N LYS A 184 27.12 30.56 3.59
CA LYS A 184 27.59 31.25 2.39
C LYS A 184 28.73 32.27 2.68
N ARG A 185 28.56 33.10 3.71
CA ARG A 185 29.63 34.00 4.18
C ARG A 185 30.88 33.26 4.59
N LEU A 186 30.73 32.16 5.32
CA LEU A 186 31.87 31.38 5.78
C LEU A 186 32.66 30.93 4.61
N TYR A 187 31.95 30.38 3.63
CA TYR A 187 32.56 29.88 2.38
C TYR A 187 33.16 31.02 1.52
N GLN A 188 32.34 32.01 1.18
CA GLN A 188 32.73 33.07 0.21
C GLN A 188 33.64 34.14 0.80
N GLU A 189 33.40 34.50 2.06
CA GLU A 189 34.21 35.53 2.67
C GLU A 189 35.29 35.07 3.63
N ALA A 190 35.06 34.01 4.40
CA ALA A 190 36.12 33.50 5.28
C ALA A 190 36.94 32.48 4.53
N GLU A 191 36.40 31.99 3.42
CA GLU A 191 37.00 30.82 2.76
C GLU A 191 37.30 29.64 3.74
N LEU A 192 36.25 29.23 4.45
CA LEU A 192 36.34 28.13 5.40
C LEU A 192 35.12 27.25 5.24
N VAL A 193 35.28 25.98 5.59
CA VAL A 193 34.15 25.06 5.71
C VAL A 193 34.16 24.59 7.18
N HIS A 194 33.03 24.78 7.84
CA HIS A 194 32.83 24.37 9.23
C HIS A 194 33.25 22.91 9.42
N ALA A 195 32.67 22.00 8.63
CA ALA A 195 32.98 20.54 8.59
C ALA A 195 32.39 19.67 9.69
N ASP A 196 31.58 20.27 10.55
CA ASP A 196 30.79 19.53 11.55
C ASP A 196 29.56 20.38 11.84
N LEU A 197 28.99 20.93 10.78
CA LEU A 197 27.81 21.77 10.91
C LEU A 197 26.52 20.94 10.98
N SER A 198 25.75 21.13 12.04
CA SER A 198 24.49 20.40 12.25
C SER A 198 23.72 21.09 13.36
N GLU A 199 22.55 20.54 13.68
CA GLU A 199 21.65 21.13 14.66
C GLU A 199 22.26 21.11 16.05
N TYR A 200 23.24 20.24 16.23
CA TYR A 200 23.97 20.15 17.47
C TYR A 200 25.02 21.28 17.68
N ASN A 201 25.38 21.97 16.60
CA ASN A 201 26.44 22.99 16.65
C ASN A 201 26.02 24.38 16.18
N ILE A 202 24.73 24.59 16.21
CA ILE A 202 24.15 25.84 15.85
C ILE A 202 23.31 26.24 17.04
N MSE A 203 23.48 27.45 17.56
CA MSE A 203 22.63 27.96 18.65
C MSE A 203 21.68 29.06 18.16
O MSE A 203 21.96 29.68 17.13
CB MSE A 203 23.49 28.46 19.85
CG MSE A 203 24.39 27.45 20.50
SE MSE A 203 25.65 28.24 21.91
CE MSE A 203 24.50 28.37 23.23
N TYR A 204 20.59 29.31 18.88
CA TYR A 204 19.62 30.31 18.45
C TYR A 204 19.09 31.09 19.65
N ILE A 205 19.23 32.42 19.65
CA ILE A 205 18.47 33.22 20.65
C ILE A 205 17.36 33.98 19.93
N ASP A 206 17.78 34.84 19.00
CA ASP A 206 16.93 35.48 18.04
C ASP A 206 17.61 35.50 16.68
N LYS A 207 18.82 34.95 16.60
CA LYS A 207 19.50 34.71 15.30
C LYS A 207 20.38 33.51 15.55
N VAL A 208 20.80 32.86 14.51
CA VAL A 208 21.62 31.69 14.73
C VAL A 208 23.09 32.09 14.97
N TYR A 209 23.78 31.28 15.77
CA TYR A 209 25.22 31.45 15.89
C TYR A 209 25.80 30.11 15.56
N PHE A 210 26.95 30.07 14.88
CA PHE A 210 27.68 28.81 14.66
C PHE A 210 28.74 28.67 15.77
N ILE A 211 28.88 27.48 16.32
CA ILE A 211 29.93 27.18 17.27
C ILE A 211 30.65 25.90 16.85
N ASP A 212 31.69 25.56 17.62
CA ASP A 212 32.46 24.31 17.54
C ASP A 212 33.31 24.22 16.25
N MSE A 213 34.44 24.90 16.25
CA MSE A 213 35.18 25.17 15.02
C MSE A 213 36.62 24.78 14.95
O MSE A 213 37.33 25.20 14.03
CB MSE A 213 35.07 26.66 14.70
CG MSE A 213 33.65 27.00 14.50
SE MSE A 213 33.26 28.51 13.39
CE MSE A 213 34.32 28.19 11.68
N GLY A 214 37.09 23.97 15.92
CA GLY A 214 38.43 23.47 15.84
C GLY A 214 38.70 22.77 14.53
N GLN A 215 37.72 22.02 14.01
CA GLN A 215 37.91 21.18 12.80
C GLN A 215 37.73 21.93 11.48
N ALA A 216 37.18 23.14 11.54
CA ALA A 216 36.93 23.92 10.32
C ALA A 216 38.21 24.01 9.49
N VAL A 217 38.03 23.89 8.17
CA VAL A 217 39.19 23.93 7.33
C VAL A 217 39.03 25.02 6.28
N THR A 218 40.18 25.35 5.73
CA THR A 218 40.35 26.35 4.66
C THR A 218 40.01 25.74 3.30
N LEU A 219 39.58 26.61 2.36
CA LEU A 219 39.23 26.01 1.03
C LEU A 219 40.42 25.39 0.26
N ARG A 220 41.61 25.59 0.80
CA ARG A 220 42.77 24.85 0.37
C ARG A 220 42.80 23.36 0.79
N HIS A 221 42.08 23.01 1.87
CA HIS A 221 42.09 21.64 2.33
C HIS A 221 41.56 20.67 1.25
N PRO A 222 42.22 19.51 1.07
CA PRO A 222 41.83 18.53 0.03
C PRO A 222 40.35 18.12 0.10
N MSE A 223 39.79 18.15 1.30
CA MSE A 223 38.47 17.62 1.59
C MSE A 223 37.41 18.69 1.78
O MSE A 223 36.27 18.33 2.08
CB MSE A 223 38.53 16.81 2.87
CG MSE A 223 39.66 15.84 2.95
SE MSE A 223 39.00 14.10 2.48
CE MSE A 223 38.30 13.56 4.20
N ALA A 224 37.79 19.98 1.70
CA ALA A 224 36.83 21.07 1.93
C ALA A 224 35.52 20.84 1.22
N GLU A 225 35.54 20.56 -0.08
CA GLU A 225 34.26 20.41 -0.79
C GLU A 225 33.42 19.23 -0.32
N SER A 226 34.08 18.13 0.02
CA SER A 226 33.39 16.98 0.55
C SER A 226 32.80 17.27 1.92
N TYR A 227 33.55 17.92 2.79
CA TYR A 227 33.01 18.35 4.10
C TYR A 227 31.87 19.34 3.91
N LEU A 228 32.00 20.24 2.95
CA LEU A 228 30.92 21.23 2.71
C LEU A 228 29.61 20.58 2.27
N GLU A 229 29.72 19.57 1.40
CA GLU A 229 28.55 18.90 0.87
C GLU A 229 27.82 18.18 1.98
N ARG A 230 28.60 17.69 2.93
CA ARG A 230 28.11 17.00 4.11
C ARG A 230 27.37 17.98 5.04
N ASP A 231 27.95 19.15 5.25
CA ASP A 231 27.31 20.21 6.03
C ASP A 231 25.97 20.55 5.39
N VAL A 232 25.96 20.74 4.07
CA VAL A 232 24.73 21.16 3.43
C VAL A 232 23.62 20.10 3.59
N ARG A 233 23.98 18.84 3.40
CA ARG A 233 23.03 17.71 3.53
C ARG A 233 22.50 17.59 4.95
N ASN A 234 23.36 17.84 5.94
CA ASN A 234 22.90 17.80 7.35
C ASN A 234 21.84 18.86 7.59
N ILE A 235 22.05 20.04 7.07
CA ILE A 235 21.14 21.15 7.24
C ILE A 235 19.83 20.89 6.50
N ILE A 236 19.87 20.45 5.25
CA ILE A 236 18.65 20.06 4.57
C ILE A 236 17.87 18.95 5.31
N ARG A 237 18.58 17.91 5.76
CA ARG A 237 17.98 16.84 6.56
C ARG A 237 17.27 17.37 7.79
N PHE A 238 17.99 18.13 8.62
CA PHE A 238 17.38 18.70 9.84
C PHE A 238 16.15 19.53 9.59
N PHE A 239 16.24 20.48 8.67
CA PHE A 239 15.10 21.37 8.44
C PHE A 239 13.95 20.71 7.71
N SER A 240 14.19 19.64 6.95
CA SER A 240 13.08 18.86 6.35
C SER A 240 12.07 18.37 7.41
N LYS A 241 12.55 18.17 8.65
CA LYS A 241 11.69 17.61 9.71
C LYS A 241 10.76 18.69 10.25
N TYR A 242 11.04 19.92 9.91
CA TYR A 242 10.27 21.07 10.35
C TYR A 242 9.49 21.79 9.24
N GLY A 243 9.36 21.18 8.06
CA GLY A 243 8.49 21.71 7.00
C GLY A 243 9.19 22.57 5.94
N VAL A 244 10.49 22.82 6.13
CA VAL A 244 11.27 23.60 5.16
C VAL A 244 11.71 22.75 3.96
N LYS A 245 11.18 23.08 2.78
CA LYS A 245 11.50 22.34 1.56
C LYS A 245 12.75 22.95 0.92
N ALA A 246 13.82 22.16 0.77
CA ALA A 246 15.01 22.69 0.14
C ALA A 246 15.67 21.68 -0.78
N ASP A 247 16.33 22.16 -1.83
CA ASP A 247 17.10 21.30 -2.73
C ASP A 247 18.60 21.43 -2.49
N PHE A 248 19.26 20.28 -2.44
CA PHE A 248 20.72 20.19 -2.29
C PHE A 248 21.52 21.00 -3.33
N GLU A 249 21.15 20.90 -4.61
CA GLU A 249 21.83 21.63 -5.70
C GLU A 249 21.71 23.13 -5.54
N GLU A 250 20.48 23.59 -5.30
CA GLU A 250 20.20 25.02 -5.06
C GLU A 250 20.98 25.57 -3.87
N MSE A 251 21.00 24.84 -2.75
CA MSE A 251 21.67 25.36 -1.57
C MSE A 251 23.18 25.38 -1.78
O MSE A 251 23.85 26.37 -1.45
CB MSE A 251 21.34 24.56 -0.32
CG MSE A 251 22.07 25.13 0.89
SE MSE A 251 21.57 24.26 2.65
CE MSE A 251 23.02 25.24 3.76
N LEU A 252 23.71 24.30 -2.33
CA LEU A 252 25.12 24.22 -2.63
C LEU A 252 25.54 25.38 -3.53
N LYS A 253 24.82 25.60 -4.63
CA LYS A 253 25.14 26.69 -5.58
C LYS A 253 25.04 28.09 -4.95
N GLU A 254 23.98 28.33 -4.16
CA GLU A 254 23.79 29.56 -3.37
C GLU A 254 25.02 29.82 -2.47
N VAL A 255 25.49 28.76 -1.79
CA VAL A 255 26.65 28.88 -0.93
C VAL A 255 27.95 29.15 -1.70
N LYS A 256 28.19 28.37 -2.74
CA LYS A 256 29.43 28.51 -3.49
C LYS A 256 29.43 29.65 -4.52
N GLY A 257 28.32 30.35 -4.68
CA GLY A 257 28.19 31.42 -5.68
C GLY A 257 28.24 30.91 -7.13
N GLU A 258 27.55 29.81 -7.39
CA GLU A 258 27.48 29.17 -8.70
C GLU A 258 26.06 29.19 -9.21
N LYS B 2 -5.97 15.51 12.20
CA LYS B 2 -6.58 14.28 11.62
C LYS B 2 -5.79 13.91 10.38
N ASP B 3 -5.28 14.94 9.71
CA ASP B 3 -4.25 14.72 8.68
C ASP B 3 -3.02 14.04 9.31
N LEU B 4 -2.57 14.53 10.47
CA LEU B 4 -1.43 13.96 11.17
C LEU B 4 -1.73 12.59 11.76
N LYS B 5 -2.98 12.40 12.14
CA LYS B 5 -3.42 11.11 12.66
C LYS B 5 -3.34 10.04 11.58
N LYS B 6 -3.84 10.36 10.38
CA LYS B 6 -3.78 9.42 9.25
C LYS B 6 -2.32 9.10 8.88
N ILE B 7 -1.50 10.13 8.82
CA ILE B 7 -0.09 9.94 8.56
C ILE B 7 0.56 8.91 9.50
N GLU B 8 0.35 9.08 10.81
CA GLU B 8 0.94 8.19 11.84
C GLU B 8 0.42 6.75 11.75
N SER B 9 -0.87 6.63 11.43
CA SER B 9 -1.51 5.33 11.29
C SER B 9 -0.86 4.53 10.19
N TYR B 10 -0.71 5.16 9.03
CA TYR B 10 0.00 4.55 7.89
C TYR B 10 1.46 4.31 8.14
N LEU B 11 2.13 5.23 8.82
CA LEU B 11 3.52 4.96 9.20
C LEU B 11 3.61 3.70 10.06
N ASP B 12 2.69 3.53 11.01
CA ASP B 12 2.65 2.25 11.75
C ASP B 12 2.38 1.04 10.85
N LYS B 13 1.42 1.16 9.91
CA LYS B 13 1.08 0.05 8.97
C LYS B 13 2.26 -0.28 8.03
N LEU B 14 3.00 0.74 7.61
CA LEU B 14 4.23 0.56 6.80
C LEU B 14 5.46 0.06 7.58
N ARG B 15 5.30 -0.02 8.90
CA ARG B 15 6.40 -0.34 9.84
C ARG B 15 7.55 0.66 9.75
N ILE B 16 7.22 1.95 9.68
CA ILE B 16 8.23 2.99 9.81
C ILE B 16 8.25 3.32 11.30
N LYS B 17 9.28 2.80 11.98
CA LYS B 17 9.34 2.75 13.45
C LYS B 17 10.25 3.81 14.05
N GLU B 18 9.88 4.28 15.23
CA GLU B 18 10.74 5.27 15.91
C GLU B 18 12.21 4.90 15.91
N LYS B 19 12.53 3.61 16.09
CA LYS B 19 13.95 3.18 16.21
C LYS B 19 14.72 3.27 14.91
N ASP B 20 14.02 3.40 13.79
CA ASP B 20 14.62 3.44 12.47
C ASP B 20 15.22 4.85 12.26
N GLY B 21 15.97 5.35 13.23
CA GLY B 21 16.55 6.68 13.15
C GLY B 21 15.58 7.83 12.96
N GLU B 22 15.95 8.74 12.08
CA GLU B 22 15.13 9.92 11.82
C GLU B 22 14.05 9.70 10.79
N GLU B 23 13.97 8.48 10.23
CA GLU B 23 13.01 8.16 9.14
C GLU B 23 11.57 8.51 9.45
N ARG B 24 11.07 8.02 10.58
CA ARG B 24 9.66 8.20 10.88
C ARG B 24 9.29 9.66 10.85
N LYS B 25 10.11 10.51 11.47
CA LYS B 25 9.83 11.93 11.44
C LYS B 25 10.03 12.62 10.08
N ILE B 26 11.04 12.19 9.33
CA ILE B 26 11.17 12.70 7.95
C ILE B 26 9.97 12.29 7.10
N TYR B 27 9.74 10.99 6.93
CA TYR B 27 8.46 10.55 6.26
C TYR B 27 7.24 11.39 6.66
N ALA B 28 7.03 11.62 7.95
CA ALA B 28 5.78 12.26 8.45
C ALA B 28 5.64 13.70 8.02
N GLU B 29 6.77 14.37 7.91
CA GLU B 29 6.86 15.75 7.48
C GLU B 29 6.81 15.94 5.96
N VAL B 30 7.51 15.10 5.19
CA VAL B 30 7.62 15.35 3.75
C VAL B 30 6.52 14.69 2.91
N LEU B 31 5.79 13.74 3.49
CA LEU B 31 4.70 13.06 2.77
C LEU B 31 3.33 13.53 3.31
N ASP B 32 2.25 13.01 2.75
CA ASP B 32 0.91 13.33 3.23
C ASP B 32 0.16 12.00 3.38
N GLY B 33 -1.01 12.04 4.02
CA GLY B 33 -1.78 10.81 4.27
C GLY B 33 -2.16 10.10 3.00
N ARG B 34 -2.61 10.87 2.01
CA ARG B 34 -3.03 10.28 0.77
C ARG B 34 -1.87 9.55 0.10
N THR B 35 -0.65 10.09 0.21
CA THR B 35 0.51 9.47 -0.40
C THR B 35 0.84 8.19 0.34
N LEU B 36 0.75 8.20 1.66
CA LEU B 36 1.07 7.00 2.43
C LEU B 36 0.08 5.88 2.14
N LYS B 37 -1.18 6.26 1.96
CA LYS B 37 -2.19 5.29 1.53
C LYS B 37 -1.81 4.59 0.22
N THR B 38 -1.18 5.33 -0.71
CA THR B 38 -0.71 4.80 -2.00
C THR B 38 0.42 3.80 -1.81
N LEU B 39 1.41 4.20 -1.00
CA LEU B 39 2.48 3.27 -0.62
C LEU B 39 1.91 1.99 -0.03
N TYR B 40 0.90 2.12 0.82
CA TYR B 40 0.32 0.93 1.44
C TYR B 40 -0.44 0.07 0.39
N LYS B 41 -1.16 0.71 -0.53
CA LYS B 41 -1.78 -0.02 -1.67
C LYS B 41 -0.71 -0.78 -2.45
N LEU B 42 0.38 -0.09 -2.82
CA LEU B 42 1.51 -0.73 -3.52
C LEU B 42 2.12 -1.93 -2.76
N SER B 43 2.10 -1.85 -1.44
CA SER B 43 2.60 -2.93 -0.60
C SER B 43 1.58 -4.05 -0.67
N ALA B 44 0.32 -3.72 -0.45
CA ALA B 44 -0.75 -4.76 -0.52
C ALA B 44 -0.77 -5.49 -1.87
N LYS B 45 -0.47 -4.78 -2.98
CA LYS B 45 -0.34 -5.41 -4.33
C LYS B 45 0.88 -6.32 -4.51
N GLY B 46 1.91 -6.18 -3.65
CA GLY B 46 3.05 -7.05 -3.77
C GLY B 46 4.30 -6.37 -4.32
N TYR B 47 4.19 -5.12 -4.77
CA TYR B 47 5.36 -4.40 -5.25
C TYR B 47 6.32 -4.05 -4.13
N ILE B 48 5.81 -3.43 -3.07
CA ILE B 48 6.67 -3.01 -1.95
C ILE B 48 6.54 -4.01 -0.82
N THR B 49 7.67 -4.47 -0.34
CA THR B 49 7.73 -5.41 0.78
C THR B 49 8.06 -4.68 2.09
N ALA B 50 9.03 -3.76 2.03
CA ALA B 50 9.36 -2.93 3.17
C ALA B 50 10.01 -1.59 2.74
N MSE B 51 9.39 -0.48 3.13
CA MSE B 51 9.97 0.88 3.03
C MSE B 51 11.19 1.00 3.92
O MSE B 51 11.18 0.49 5.05
CB MSE B 51 8.95 1.96 3.46
CG MSE B 51 7.70 2.11 2.59
SE MSE B 51 8.12 2.38 0.68
CE MSE B 51 9.02 4.13 0.68
N GLY B 52 12.23 1.65 3.39
CA GLY B 52 13.50 1.84 4.05
C GLY B 52 13.86 3.30 4.29
N GLY B 53 15.14 3.61 4.17
CA GLY B 53 15.67 4.90 4.59
C GLY B 53 15.30 6.02 3.64
N VAL B 54 15.55 7.25 4.08
CA VAL B 54 15.28 8.45 3.25
C VAL B 54 16.52 8.62 2.41
N ILE B 55 16.36 8.83 1.11
CA ILE B 55 17.55 8.95 0.24
C ILE B 55 17.72 10.41 -0.05
N SER B 56 16.62 11.10 -0.31
CA SER B 56 16.68 12.51 -0.71
C SER B 56 15.37 13.15 -0.39
N THR B 57 15.41 14.42 0.01
CA THR B 57 14.21 15.20 0.22
C THR B 57 14.33 16.53 -0.52
N GLY B 58 13.30 16.90 -1.28
CA GLY B 58 13.40 18.07 -2.16
C GLY B 58 12.20 18.99 -2.17
N LYS B 59 12.28 20.06 -2.95
CA LYS B 59 11.08 20.91 -3.15
C LYS B 59 10.04 20.24 -4.04
N GLU B 60 10.45 19.33 -4.91
CA GLU B 60 9.49 18.70 -5.84
C GLU B 60 9.26 17.24 -5.53
N ALA B 61 10.28 16.56 -5.01
CA ALA B 61 10.21 15.11 -4.86
C ALA B 61 11.02 14.61 -3.67
N ASN B 62 10.62 13.44 -3.18
CA ASN B 62 11.30 12.76 -2.08
C ASN B 62 11.57 11.35 -2.54
N VAL B 63 12.76 10.84 -2.25
CA VAL B 63 13.22 9.51 -2.73
C VAL B 63 13.56 8.67 -1.52
N PHE B 64 13.04 7.45 -1.52
CA PHE B 64 13.20 6.54 -0.39
C PHE B 64 13.74 5.21 -0.86
N TYR B 65 14.37 4.47 0.03
CA TYR B 65 14.78 3.10 -0.32
C TYR B 65 13.61 2.13 -0.03
N ALA B 66 13.41 1.08 -0.84
CA ALA B 66 12.48 -0.01 -0.45
C ALA B 66 12.99 -1.37 -0.85
N ASP B 67 12.69 -2.41 -0.09
CA ASP B 67 12.76 -3.70 -0.72
C ASP B 67 11.39 -3.99 -1.32
N GLY B 68 11.37 -4.68 -2.43
CA GLY B 68 10.08 -5.00 -3.07
C GLY B 68 10.23 -6.18 -4.02
N VAL B 69 9.24 -6.36 -4.90
CA VAL B 69 9.16 -7.48 -5.79
C VAL B 69 8.80 -6.94 -7.19
N PHE B 70 9.51 -7.41 -8.21
CA PHE B 70 9.22 -7.07 -9.62
C PHE B 70 9.46 -8.23 -10.58
N ASP B 71 8.45 -8.50 -11.41
CA ASP B 71 8.56 -9.58 -12.41
C ASP B 71 8.95 -10.91 -11.76
N GLY B 72 8.38 -11.15 -10.58
CA GLY B 72 8.46 -12.41 -9.84
C GLY B 72 9.69 -12.58 -8.97
N LYS B 73 10.50 -11.54 -8.81
CA LYS B 73 11.68 -11.71 -7.98
C LYS B 73 11.88 -10.50 -7.07
N PRO B 74 12.54 -10.71 -5.93
CA PRO B 74 12.78 -9.54 -5.11
C PRO B 74 13.80 -8.57 -5.72
N VAL B 75 13.58 -7.29 -5.52
CA VAL B 75 14.47 -6.25 -6.08
C VAL B 75 14.67 -5.16 -5.03
N ALA B 76 15.74 -4.40 -5.18
CA ALA B 76 15.98 -3.19 -4.38
C ALA B 76 15.39 -2.03 -5.20
N MSE B 77 14.63 -1.17 -4.53
CA MSE B 77 13.89 -0.13 -5.20
C MSE B 77 14.25 1.26 -4.71
O MSE B 77 14.50 1.47 -3.51
CB MSE B 77 12.39 -0.38 -4.97
CG MSE B 77 11.80 -1.55 -5.77
SE MSE B 77 9.94 -1.70 -5.35
CE MSE B 77 9.32 -2.71 -6.93
N ALA B 78 14.24 2.21 -5.64
CA ALA B 78 14.16 3.60 -5.27
C ALA B 78 12.69 3.98 -5.45
N VAL B 79 12.15 4.64 -4.45
CA VAL B 79 10.76 5.04 -4.46
C VAL B 79 10.75 6.56 -4.59
N LYS B 80 10.46 7.06 -5.77
CA LYS B 80 10.41 8.49 -5.96
C LYS B 80 8.98 9.03 -5.84
N ILE B 81 8.79 10.07 -5.05
CA ILE B 81 7.44 10.56 -4.79
C ILE B 81 7.37 12.04 -5.01
N TYR B 82 6.49 12.45 -5.92
CA TYR B 82 6.27 13.83 -6.17
C TYR B 82 5.34 14.44 -5.14
N ARG B 83 5.73 15.60 -4.66
CA ARG B 83 4.93 16.37 -3.74
C ARG B 83 3.68 16.86 -4.45
N ILE B 84 2.54 16.77 -3.75
CA ILE B 84 1.27 17.20 -4.28
C ILE B 84 0.90 18.57 -3.71
N ASP B 93 5.62 23.89 -16.32
CA ASP B 93 4.75 24.07 -17.48
C ASP B 93 5.51 24.04 -18.80
N GLU B 94 6.69 24.65 -18.81
CA GLU B 94 7.60 24.68 -19.96
C GLU B 94 7.84 23.29 -20.56
N TYR B 95 8.02 22.30 -19.68
CA TYR B 95 8.36 20.91 -20.01
C TYR B 95 7.18 19.99 -20.21
N LEU B 96 5.99 20.48 -19.87
CA LEU B 96 4.76 19.73 -19.95
C LEU B 96 3.97 20.20 -21.17
N TYR B 97 3.78 21.51 -21.27
CA TYR B 97 3.14 22.13 -22.42
C TYR B 97 4.16 22.23 -23.55
N GLY B 98 3.86 21.58 -24.67
CA GLY B 98 4.78 21.50 -25.80
C GLY B 98 5.11 20.04 -26.09
N ASP B 99 4.90 19.20 -25.08
CA ASP B 99 5.01 17.75 -25.24
C ASP B 99 3.62 17.19 -25.49
N GLU B 100 3.37 16.95 -26.76
CA GLU B 100 2.04 16.67 -27.25
C GLU B 100 1.56 15.25 -26.88
N ARG B 101 2.46 14.44 -26.34
CA ARG B 101 2.10 13.12 -25.78
C ARG B 101 1.01 13.23 -24.72
N PHE B 102 1.01 14.35 -24.00
CA PHE B 102 0.15 14.52 -22.84
C PHE B 102 -0.89 15.61 -23.10
N LYS B 110 -2.90 20.81 -10.61
CA LYS B 110 -3.78 20.07 -9.70
C LYS B 110 -3.59 18.54 -9.89
N GLU B 111 -3.96 18.06 -11.09
CA GLU B 111 -3.75 16.69 -11.53
C GLU B 111 -2.46 16.72 -12.32
N LYS B 112 -1.88 17.90 -12.39
CA LYS B 112 -0.59 18.10 -13.03
C LYS B 112 0.51 17.16 -12.47
N VAL B 113 0.54 16.92 -11.15
CA VAL B 113 1.62 16.07 -10.53
C VAL B 113 1.53 14.60 -11.00
N PHE B 114 0.31 14.12 -11.16
CA PHE B 114 0.13 12.75 -11.65
C PHE B 114 0.62 12.56 -13.07
N ILE B 115 0.34 13.51 -13.95
CA ILE B 115 0.84 13.53 -15.32
C ILE B 115 2.35 13.56 -15.35
N TRP B 116 2.93 14.47 -14.57
CA TRP B 116 4.41 14.57 -14.46
C TRP B 116 5.04 13.22 -14.04
N THR B 117 4.40 12.60 -13.05
CA THR B 117 4.85 11.31 -12.57
C THR B 117 4.82 10.26 -13.71
N GLU B 118 3.73 10.22 -14.47
CA GLU B 118 3.64 9.30 -15.57
C GLU B 118 4.63 9.64 -16.68
N LYS B 119 4.85 10.95 -16.88
CA LYS B 119 5.79 11.43 -17.87
C LYS B 119 7.19 10.90 -17.57
N GLU B 120 7.61 10.98 -16.29
CA GLU B 120 8.95 10.48 -15.93
C GLU B 120 9.04 8.97 -16.21
N PHE B 121 7.96 8.24 -15.85
CA PHE B 121 7.89 6.81 -16.04
C PHE B 121 7.97 6.46 -17.50
N ARG B 122 7.15 7.12 -18.35
CA ARG B 122 7.22 6.91 -19.80
C ARG B 122 8.60 7.24 -20.37
N ASN B 123 9.23 8.29 -19.84
CA ASN B 123 10.57 8.70 -20.27
C ASN B 123 11.67 7.67 -19.93
N LEU B 124 11.64 7.17 -18.70
CA LEU B 124 12.48 6.05 -18.27
C LEU B 124 12.24 4.84 -19.18
N GLU B 125 10.98 4.46 -19.41
CA GLU B 125 10.73 3.30 -20.30
C GLU B 125 11.33 3.53 -21.71
N ARG B 126 11.15 4.74 -22.22
CA ARG B 126 11.57 5.05 -23.59
C ARG B 126 13.09 5.04 -23.70
N ALA B 127 13.75 5.69 -22.72
CA ALA B 127 15.22 5.69 -22.62
C ALA B 127 15.77 4.30 -22.45
N LYS B 128 15.22 3.47 -21.57
CA LYS B 128 15.77 2.13 -21.36
C LYS B 128 15.65 1.29 -22.65
N GLU B 129 14.51 1.37 -23.30
CA GLU B 129 14.29 0.62 -24.56
C GLU B 129 15.32 1.02 -25.62
N ALA B 130 15.67 2.31 -25.67
CA ALA B 130 16.68 2.79 -26.60
C ALA B 130 18.11 2.51 -26.18
N GLY B 131 18.30 1.80 -25.08
CA GLY B 131 19.63 1.45 -24.64
C GLY B 131 20.36 2.50 -23.82
N VAL B 132 19.64 3.54 -23.34
CA VAL B 132 20.22 4.53 -22.40
C VAL B 132 20.30 3.87 -21.02
N SER B 133 21.37 4.15 -20.29
CA SER B 133 21.52 3.62 -18.92
C SER B 133 20.75 4.52 -18.01
N VAL B 134 19.52 4.06 -17.70
CA VAL B 134 18.64 4.64 -16.66
C VAL B 134 18.22 3.49 -15.74
N PRO B 135 17.71 3.81 -14.51
CA PRO B 135 17.19 2.73 -13.64
C PRO B 135 16.06 2.05 -14.37
N GLN B 136 16.03 0.72 -14.35
CA GLN B 136 14.85 -0.05 -14.83
C GLN B 136 13.59 0.49 -14.19
N PRO B 137 12.62 0.99 -14.98
CA PRO B 137 11.38 1.41 -14.36
C PRO B 137 10.47 0.21 -14.05
N TYR B 138 9.84 0.20 -12.89
CA TYR B 138 9.04 -0.95 -12.55
C TYR B 138 7.58 -0.65 -12.74
N THR B 139 7.09 0.30 -11.94
CA THR B 139 5.67 0.71 -12.00
C THR B 139 5.51 2.13 -11.49
N TYR B 140 4.32 2.70 -11.65
CA TYR B 140 3.97 3.98 -11.02
C TYR B 140 2.49 4.01 -10.64
N MSE B 141 2.13 4.86 -9.69
CA MSE B 141 0.74 4.94 -9.24
C MSE B 141 0.58 6.29 -8.64
O MSE B 141 1.30 6.61 -7.69
CB MSE B 141 0.45 3.93 -8.12
CG MSE B 141 -1.01 3.87 -7.77
SE MSE B 141 -1.43 2.44 -6.47
CE MSE B 141 -1.48 0.89 -7.65
N LYS B 142 -0.33 7.09 -9.20
CA LYS B 142 -0.56 8.43 -8.72
C LYS B 142 0.80 9.18 -8.74
N ASN B 143 1.28 9.63 -7.58
CA ASN B 143 2.54 10.47 -7.49
C ASN B 143 3.80 9.67 -7.12
N VAL B 144 3.64 8.36 -7.09
CA VAL B 144 4.66 7.44 -6.65
C VAL B 144 5.30 6.66 -7.81
N LEU B 145 6.62 6.70 -7.88
CA LEU B 145 7.30 5.98 -8.95
C LEU B 145 8.26 4.92 -8.37
N LEU B 146 8.25 3.71 -8.92
CA LEU B 146 9.12 2.67 -8.42
C LEU B 146 10.08 2.29 -9.52
N MSE B 147 11.36 2.25 -9.21
CA MSE B 147 12.35 1.92 -10.23
C MSE B 147 13.51 1.26 -9.53
O MSE B 147 13.55 1.23 -8.30
CB MSE B 147 12.83 3.21 -10.94
CG MSE B 147 13.60 4.08 -9.97
SE MSE B 147 14.15 5.78 -10.74
CE MSE B 147 13.16 6.95 -9.66
N GLU B 148 14.45 0.77 -10.32
CA GLU B 148 15.65 0.11 -9.85
C GLU B 148 16.45 1.02 -8.93
N PHE B 149 16.81 0.49 -7.74
CA PHE B 149 17.71 1.19 -6.83
C PHE B 149 19.13 1.08 -7.38
N ILE B 150 19.78 2.23 -7.57
CA ILE B 150 21.16 2.27 -8.05
C ILE B 150 22.10 2.50 -6.85
N GLY B 151 22.81 1.46 -6.50
CA GLY B 151 23.73 1.46 -5.35
C GLY B 151 23.79 0.03 -4.87
N GLU B 152 24.42 -0.21 -3.72
CA GLU B 152 24.27 -1.52 -3.09
C GLU B 152 24.13 -1.44 -1.59
N ASP B 153 23.47 -2.47 -1.08
CA ASP B 153 23.09 -2.57 0.34
C ASP B 153 22.59 -1.26 0.92
N GLU B 154 21.58 -0.75 0.24
CA GLU B 154 20.77 0.43 0.64
C GLU B 154 21.59 1.69 0.64
N LEU B 155 22.83 1.54 0.16
CA LEU B 155 23.74 2.64 -0.06
C LEU B 155 23.74 3.07 -1.57
N PRO B 156 23.12 4.21 -1.87
CA PRO B 156 22.92 4.83 -3.17
C PRO B 156 24.23 5.22 -3.80
N ALA B 157 24.36 4.92 -5.10
CA ALA B 157 25.52 5.31 -5.86
C ALA B 157 25.65 6.82 -5.81
N PRO B 158 26.91 7.33 -5.80
CA PRO B 158 27.09 8.77 -5.75
C PRO B 158 26.71 9.43 -7.10
N THR B 159 26.26 10.67 -7.04
CA THR B 159 26.16 11.47 -8.28
C THR B 159 27.59 11.88 -8.61
N LEU B 160 27.83 12.34 -9.84
CA LEU B 160 29.18 12.79 -10.20
C LEU B 160 29.62 13.95 -9.31
N VAL B 161 28.65 14.75 -8.87
CA VAL B 161 28.92 15.87 -7.95
C VAL B 161 29.35 15.30 -6.57
N GLU B 162 28.74 14.21 -6.14
CA GLU B 162 29.07 13.59 -4.87
C GLU B 162 30.42 12.85 -4.93
N LEU B 163 30.76 12.27 -6.08
CA LEU B 163 32.12 11.70 -6.24
C LEU B 163 33.15 12.81 -6.04
N GLY B 164 32.94 13.95 -6.69
CA GLY B 164 33.89 15.07 -6.65
C GLY B 164 35.35 14.68 -6.88
N ARG B 165 36.19 14.81 -5.83
CA ARG B 165 37.72 14.52 -5.78
C ARG B 165 38.03 13.09 -6.16
N GLU B 166 37.08 12.20 -5.76
CA GLU B 166 37.17 10.76 -6.10
C GLU B 166 37.13 10.49 -7.60
N LEU B 167 36.81 11.43 -8.46
CA LEU B 167 36.86 11.27 -9.93
C LEU B 167 38.29 11.06 -10.42
N LYS B 168 39.24 11.68 -9.70
CA LYS B 168 40.64 11.58 -10.11
C LYS B 168 41.22 10.22 -9.86
N GLU B 169 40.52 9.35 -9.07
CA GLU B 169 40.86 7.94 -8.93
C GLU B 169 40.14 7.05 -9.92
N LEU B 170 39.39 7.67 -10.82
CA LEU B 170 38.56 6.95 -11.78
C LEU B 170 39.00 7.32 -13.22
N ASP B 171 38.50 6.56 -14.19
CA ASP B 171 38.78 6.82 -15.60
C ASP B 171 37.85 7.93 -16.03
N VAL B 172 38.24 9.15 -15.70
CA VAL B 172 37.33 10.30 -15.91
C VAL B 172 37.04 10.61 -17.40
N GLU B 173 37.96 10.27 -18.30
CA GLU B 173 37.71 10.43 -19.72
C GLU B 173 36.73 9.34 -20.24
N GLY B 174 36.84 8.14 -19.66
CA GLY B 174 35.92 7.04 -19.93
C GLY B 174 34.53 7.34 -19.45
N ILE B 175 34.41 7.93 -18.26
CA ILE B 175 33.10 8.39 -17.77
C ILE B 175 32.48 9.49 -18.68
N PHE B 176 33.26 10.49 -19.06
CA PHE B 176 32.83 11.47 -20.08
C PHE B 176 32.31 10.78 -21.36
N ASN B 177 33.10 9.90 -21.95
CA ASN B 177 32.70 9.17 -23.14
C ASN B 177 31.36 8.42 -22.90
N ASP B 178 31.22 7.83 -21.70
CA ASP B 178 30.02 7.08 -21.28
C ASP B 178 28.82 8.03 -21.31
N VAL B 179 28.97 9.21 -20.71
CA VAL B 179 27.94 10.24 -20.70
C VAL B 179 27.54 10.63 -22.12
N VAL B 180 28.52 10.94 -22.98
CA VAL B 180 28.25 11.29 -24.36
C VAL B 180 27.57 10.15 -25.08
N GLU B 181 28.06 8.91 -24.93
CA GLU B 181 27.37 7.78 -25.57
C GLU B 181 25.88 7.74 -25.17
N ASN B 182 25.60 8.05 -23.91
CA ASN B 182 24.20 8.01 -23.40
C ASN B 182 23.29 9.14 -23.91
N VAL B 183 23.83 10.37 -23.97
CA VAL B 183 23.13 11.51 -24.61
C VAL B 183 22.92 11.20 -26.10
N LYS B 184 23.89 10.56 -26.75
CA LYS B 184 23.75 10.14 -28.18
C LYS B 184 22.58 9.15 -28.41
N ARG B 185 22.55 8.06 -27.64
CA ARG B 185 21.45 7.09 -27.74
C ARG B 185 20.10 7.69 -27.37
N LEU B 186 20.08 8.56 -26.35
CA LEU B 186 18.87 9.19 -25.93
C LEU B 186 18.26 10.05 -27.05
N TYR B 187 19.09 10.83 -27.71
CA TYR B 187 18.66 11.69 -28.82
C TYR B 187 18.31 10.85 -30.05
N GLN B 188 19.23 9.97 -30.44
CA GLN B 188 19.08 9.27 -31.74
C GLN B 188 18.12 8.10 -31.69
N GLU B 189 18.14 7.38 -30.58
CA GLU B 189 17.29 6.19 -30.49
C GLU B 189 15.99 6.36 -29.71
N ALA B 190 16.02 7.15 -28.62
CA ALA B 190 14.83 7.46 -27.87
C ALA B 190 14.13 8.66 -28.48
N GLU B 191 14.87 9.49 -29.22
CA GLU B 191 14.41 10.82 -29.62
C GLU B 191 13.91 11.61 -28.41
N LEU B 192 14.75 11.65 -27.37
CA LEU B 192 14.45 12.49 -26.22
C LEU B 192 15.58 13.43 -25.95
N VAL B 193 15.26 14.57 -25.31
CA VAL B 193 16.30 15.38 -24.68
C VAL B 193 16.05 15.41 -23.17
N HIS B 194 17.06 15.03 -22.37
CA HIS B 194 16.94 15.04 -20.89
C HIS B 194 16.41 16.38 -20.38
N ALA B 195 17.10 17.48 -20.74
CA ALA B 195 16.68 18.86 -20.40
C ALA B 195 17.05 19.35 -18.97
N ASP B 196 17.64 18.48 -18.15
CA ASP B 196 18.21 18.89 -16.85
C ASP B 196 19.43 17.98 -16.58
N LEU B 197 20.19 17.72 -17.64
CA LEU B 197 21.38 16.87 -17.55
C LEU B 197 22.57 17.66 -17.04
N SER B 198 23.11 17.22 -15.91
CA SER B 198 24.26 17.87 -15.30
C SER B 198 24.84 16.85 -14.32
N GLU B 199 25.98 17.18 -13.73
CA GLU B 199 26.56 16.36 -12.69
C GLU B 199 25.59 16.10 -11.53
N TYR B 200 24.56 16.93 -11.33
CA TYR B 200 23.64 16.68 -10.25
C TYR B 200 22.69 15.49 -10.54
N ASN B 201 22.54 15.12 -11.81
CA ASN B 201 21.59 14.05 -12.23
C ASN B 201 22.18 12.86 -13.01
N ILE B 202 23.45 12.60 -12.78
CA ILE B 202 24.14 11.43 -13.34
C ILE B 202 24.73 10.70 -12.14
N MSE B 203 24.39 9.43 -12.00
CA MSE B 203 24.97 8.59 -10.93
C MSE B 203 26.04 7.74 -11.54
O MSE B 203 26.04 7.51 -12.74
CB MSE B 203 23.90 7.70 -10.31
CG MSE B 203 22.77 8.50 -9.73
SE MSE B 203 21.49 7.45 -8.68
CE MSE B 203 22.51 7.08 -7.36
N TYR B 204 26.94 7.23 -10.72
CA TYR B 204 28.01 6.40 -11.22
C TYR B 204 28.27 5.28 -10.23
N ILE B 205 28.18 4.06 -10.77
CA ILE B 205 28.57 2.83 -10.06
C ILE B 205 28.93 1.83 -11.15
N ASP B 206 30.23 1.73 -11.42
CA ASP B 206 30.80 0.98 -12.55
C ASP B 206 30.52 1.53 -13.97
N LYS B 207 29.39 2.21 -14.14
CA LYS B 207 29.07 2.91 -15.41
C LYS B 207 28.14 4.04 -15.00
N VAL B 208 27.88 5.02 -15.87
CA VAL B 208 26.97 6.07 -15.46
C VAL B 208 25.52 5.67 -15.67
N TYR B 209 24.66 6.35 -14.94
CA TYR B 209 23.23 6.23 -15.08
C TYR B 209 22.68 7.62 -15.07
N PHE B 210 21.74 7.92 -15.95
CA PHE B 210 21.03 9.21 -15.88
C PHE B 210 19.79 9.00 -15.03
N ILE B 211 19.40 10.01 -14.25
CA ILE B 211 18.13 10.03 -13.52
C ILE B 211 17.42 11.35 -13.67
N ASP B 212 16.17 11.40 -13.16
CA ASP B 212 15.43 12.65 -12.96
C ASP B 212 14.88 13.10 -14.31
N MSE B 213 13.84 12.44 -14.77
CA MSE B 213 13.43 12.58 -16.16
C MSE B 213 11.98 12.98 -16.41
O MSE B 213 11.48 12.81 -17.51
CB MSE B 213 13.72 11.29 -16.90
CG MSE B 213 15.19 10.99 -16.89
SE MSE B 213 15.75 9.82 -18.29
CE MSE B 213 15.33 11.04 -19.92
N GLY B 214 11.33 13.55 -15.40
CA GLY B 214 10.01 14.15 -15.57
C GLY B 214 10.00 15.19 -16.67
N GLN B 215 11.07 15.99 -16.74
CA GLN B 215 11.17 17.13 -17.64
C GLN B 215 11.60 16.76 -19.07
N ALA B 216 12.04 15.51 -19.30
CA ALA B 216 12.61 15.18 -20.63
C ALA B 216 11.55 15.30 -21.73
N VAL B 217 11.89 15.91 -22.86
CA VAL B 217 10.90 16.08 -23.91
C VAL B 217 11.34 15.33 -25.16
N THR B 218 10.41 15.10 -26.07
CA THR B 218 10.73 14.49 -27.32
C THR B 218 11.28 15.56 -28.26
N LEU B 219 11.78 15.12 -29.40
CA LEU B 219 12.39 15.99 -30.37
C LEU B 219 11.34 16.81 -31.14
N ARG B 220 10.05 16.59 -30.82
CA ARG B 220 8.98 17.41 -31.38
C ARG B 220 8.70 18.63 -30.51
N HIS B 221 9.19 18.66 -29.27
CA HIS B 221 9.01 19.84 -28.43
C HIS B 221 9.75 21.02 -29.09
N PRO B 222 9.11 22.21 -29.13
CA PRO B 222 9.75 23.34 -29.81
C PRO B 222 11.10 23.75 -29.18
N MSE B 223 11.29 23.45 -27.91
CA MSE B 223 12.53 23.83 -27.22
C MSE B 223 13.60 22.74 -27.15
O MSE B 223 14.65 22.96 -26.55
CB MSE B 223 12.18 24.34 -25.83
CG MSE B 223 11.49 25.68 -25.82
SE MSE B 223 12.76 27.06 -26.31
CE MSE B 223 13.67 27.26 -24.61
N ALA B 224 13.33 21.57 -27.74
CA ALA B 224 14.22 20.43 -27.67
C ALA B 224 15.65 20.75 -28.00
N GLU B 225 15.86 21.48 -29.10
CA GLU B 225 17.20 21.93 -29.52
C GLU B 225 17.92 22.83 -28.49
N SER B 226 17.24 23.85 -27.93
CA SER B 226 17.89 24.65 -26.91
C SER B 226 18.21 23.82 -25.67
N TYR B 227 17.28 22.94 -25.26
CA TYR B 227 17.50 22.01 -24.12
C TYR B 227 18.75 21.17 -24.27
N LEU B 228 18.91 20.58 -25.45
CA LEU B 228 20.06 19.74 -25.73
C LEU B 228 21.39 20.50 -25.65
N GLU B 229 21.42 21.70 -26.25
CA GLU B 229 22.64 22.50 -26.26
C GLU B 229 23.07 22.85 -24.85
N ARG B 230 22.10 23.17 -24.01
CA ARG B 230 22.29 23.42 -22.56
C ARG B 230 22.78 22.16 -21.83
N ASP B 231 22.21 21.00 -22.13
CA ASP B 231 22.74 19.75 -21.59
C ASP B 231 24.21 19.59 -22.00
N VAL B 232 24.50 19.70 -23.32
CA VAL B 232 25.91 19.60 -23.77
C VAL B 232 26.88 20.65 -23.17
N ARG B 233 26.45 21.90 -23.01
CA ARG B 233 27.34 22.84 -22.29
C ARG B 233 27.64 22.42 -20.85
N ASN B 234 26.67 21.84 -20.13
CA ASN B 234 26.86 21.40 -18.73
C ASN B 234 27.85 20.28 -18.65
N ILE B 235 27.74 19.34 -19.55
CA ILE B 235 28.65 18.21 -19.56
C ILE B 235 30.10 18.69 -19.85
N ILE B 236 30.31 19.40 -20.94
CA ILE B 236 31.61 19.99 -21.25
C ILE B 236 32.19 20.78 -20.05
N ARG B 237 31.39 21.70 -19.51
CA ARG B 237 31.82 22.48 -18.35
C ARG B 237 32.22 21.59 -17.15
N PHE B 238 31.35 20.65 -16.78
CA PHE B 238 31.66 19.81 -15.63
C PHE B 238 32.95 19.05 -15.87
N PHE B 239 33.07 18.42 -17.02
CA PHE B 239 34.26 17.60 -17.24
C PHE B 239 35.58 18.34 -17.43
N SER B 240 35.52 19.63 -17.81
CA SER B 240 36.76 20.43 -17.98
C SER B 240 37.45 20.67 -16.63
N LYS B 241 36.72 20.49 -15.54
CA LYS B 241 37.28 20.68 -14.21
C LYS B 241 38.10 19.44 -13.82
N TYR B 242 38.04 18.39 -14.65
CA TYR B 242 38.72 17.14 -14.37
C TYR B 242 39.66 16.68 -15.43
N GLY B 243 39.97 17.58 -16.38
CA GLY B 243 41.07 17.42 -17.32
C GLY B 243 40.56 16.95 -18.66
N VAL B 244 39.22 16.93 -18.80
CA VAL B 244 38.64 16.39 -20.00
C VAL B 244 38.38 17.52 -20.96
N LYS B 245 39.15 17.49 -22.04
CA LYS B 245 39.15 18.53 -23.05
C LYS B 245 38.12 18.16 -24.09
N ALA B 246 37.18 19.04 -24.36
CA ALA B 246 36.19 18.71 -25.36
C ALA B 246 35.64 19.97 -26.03
N ASP B 247 35.13 19.82 -27.26
CA ASP B 247 34.53 20.92 -28.03
C ASP B 247 33.03 20.76 -28.09
N PHE B 248 32.34 21.83 -27.71
CA PHE B 248 30.91 21.95 -27.96
C PHE B 248 30.44 21.53 -29.37
N GLU B 249 31.15 21.98 -30.42
CA GLU B 249 30.68 21.72 -31.81
C GLU B 249 30.83 20.23 -32.07
N GLU B 250 31.93 19.66 -31.59
CA GLU B 250 32.19 18.21 -31.87
C GLU B 250 31.17 17.32 -31.17
N MSE B 251 30.94 17.60 -29.89
CA MSE B 251 29.99 16.83 -29.09
C MSE B 251 28.56 16.96 -29.56
O MSE B 251 27.83 15.96 -29.59
CB MSE B 251 30.08 17.20 -27.61
CG MSE B 251 29.09 16.37 -26.76
SE MSE B 251 29.17 16.69 -24.77
CE MSE B 251 27.56 15.65 -24.27
N LEU B 252 28.12 18.17 -29.93
CA LEU B 252 26.75 18.34 -30.42
C LEU B 252 26.49 17.58 -31.72
N LYS B 253 27.46 17.62 -32.64
CA LYS B 253 27.36 16.97 -33.96
C LYS B 253 27.36 15.46 -33.81
N GLU B 254 28.21 14.99 -32.90
CA GLU B 254 28.30 13.60 -32.52
C GLU B 254 26.99 13.02 -31.94
N VAL B 255 26.28 13.80 -31.13
CA VAL B 255 25.07 13.34 -30.47
C VAL B 255 23.96 13.31 -31.55
N LYS B 256 23.89 14.39 -32.33
CA LYS B 256 22.84 14.63 -33.30
C LYS B 256 23.03 13.90 -34.61
N GLY B 257 24.21 13.28 -34.79
CA GLY B 257 24.55 12.55 -36.01
C GLY B 257 24.89 13.45 -37.20
N GLU B 258 25.63 14.54 -36.97
CA GLU B 258 25.81 15.59 -37.98
C GLU B 258 27.29 15.75 -38.31
N MSE C 1 6.50 -10.75 28.97
CA MSE C 1 7.70 -11.56 28.59
C MSE C 1 8.21 -12.62 29.61
O MSE C 1 8.80 -13.60 29.18
CB MSE C 1 8.87 -10.69 28.00
N LYS C 2 7.94 -12.46 30.92
CA LYS C 2 8.26 -13.52 31.94
C LYS C 2 7.55 -14.80 31.61
N ASP C 3 8.25 -15.94 31.59
CA ASP C 3 7.58 -17.20 31.41
C ASP C 3 6.78 -17.61 32.67
N LEU C 4 5.49 -17.27 32.74
CA LEU C 4 4.69 -17.66 33.90
C LEU C 4 4.47 -19.18 33.95
N LYS C 5 4.46 -19.72 35.17
CA LYS C 5 4.50 -21.17 35.36
C LYS C 5 3.10 -21.69 35.65
N LYS C 6 2.23 -20.82 36.16
CA LYS C 6 0.87 -21.17 36.39
C LYS C 6 -0.08 -20.48 35.40
N ILE C 7 -0.94 -21.26 34.73
CA ILE C 7 -2.02 -20.75 33.88
C ILE C 7 -2.74 -19.55 34.53
N GLU C 8 -3.09 -19.65 35.81
CA GLU C 8 -3.84 -18.61 36.55
C GLU C 8 -3.11 -17.26 36.62
N SER C 9 -1.78 -17.30 36.70
CA SER C 9 -1.00 -16.06 36.62
C SER C 9 -1.25 -15.34 35.29
N TYR C 10 -1.36 -16.09 34.18
CA TYR C 10 -1.62 -15.41 32.88
C TYR C 10 -2.98 -14.81 32.87
N LEU C 11 -3.95 -15.55 33.42
CA LEU C 11 -5.33 -15.09 33.51
C LEU C 11 -5.42 -13.80 34.33
N ASP C 12 -4.69 -13.72 35.44
CA ASP C 12 -4.60 -12.49 36.27
C ASP C 12 -4.00 -11.28 35.53
N LYS C 13 -2.94 -11.54 34.77
CA LYS C 13 -2.24 -10.53 33.95
C LYS C 13 -3.20 -9.93 32.94
N LEU C 14 -4.07 -10.80 32.43
CA LEU C 14 -5.03 -10.47 31.39
C LEU C 14 -6.30 -9.82 31.95
N ARG C 15 -6.33 -9.74 33.28
CA ARG C 15 -7.38 -9.08 34.06
C ARG C 15 -8.74 -9.77 33.95
N ILE C 16 -8.71 -11.08 33.75
CA ILE C 16 -9.95 -11.89 33.76
C ILE C 16 -10.26 -12.21 35.21
N LYS C 17 -11.36 -11.68 35.73
CA LYS C 17 -11.58 -11.74 37.20
C LYS C 17 -12.05 -13.12 37.68
N GLU C 18 -11.54 -13.54 38.84
CA GLU C 18 -11.98 -14.77 39.49
C GLU C 18 -13.48 -14.75 39.70
N LYS C 19 -14.01 -13.57 39.98
CA LYS C 19 -15.45 -13.30 40.00
C LYS C 19 -16.15 -13.63 38.68
N ASP C 20 -15.37 -13.80 37.61
CA ASP C 20 -15.87 -14.32 36.32
C ASP C 20 -15.41 -15.76 36.13
N GLY C 21 -15.99 -16.67 36.91
CA GLY C 21 -15.57 -18.06 36.95
C GLY C 21 -15.81 -18.76 35.62
N GLU C 22 -16.93 -18.39 35.00
CA GLU C 22 -17.35 -18.84 33.65
C GLU C 22 -16.33 -18.48 32.58
N GLU C 23 -15.95 -17.20 32.49
CA GLU C 23 -14.87 -16.77 31.60
C GLU C 23 -13.57 -17.46 31.93
N ARG C 24 -13.12 -17.36 33.19
CA ARG C 24 -11.92 -18.03 33.63
C ARG C 24 -11.85 -19.50 33.21
N LYS C 25 -12.93 -20.22 33.46
CA LYS C 25 -13.02 -21.64 33.13
C LYS C 25 -12.95 -21.87 31.61
N ILE C 26 -13.74 -21.12 30.83
CA ILE C 26 -13.64 -21.18 29.36
C ILE C 26 -12.21 -20.84 28.89
N TYR C 27 -11.71 -19.66 29.27
CA TYR C 27 -10.36 -19.28 28.86
C TYR C 27 -9.29 -20.33 29.08
N ALA C 28 -9.27 -20.91 30.29
CA ALA C 28 -8.25 -21.90 30.66
C ALA C 28 -8.44 -23.21 29.89
N GLU C 29 -9.68 -23.50 29.51
CA GLU C 29 -9.98 -24.70 28.77
C GLU C 29 -9.62 -24.57 27.27
N VAL C 30 -10.10 -23.52 26.64
CA VAL C 30 -9.97 -23.39 25.20
C VAL C 30 -8.58 -22.86 24.77
N LEU C 31 -7.86 -22.24 25.71
CA LEU C 31 -6.55 -21.63 25.39
C LEU C 31 -5.38 -22.28 26.11
N ASP C 32 -4.38 -22.68 25.34
CA ASP C 32 -3.16 -23.25 25.91
C ASP C 32 -2.21 -22.18 26.46
N GLY C 33 -1.20 -22.64 27.18
CA GLY C 33 -0.25 -21.77 27.89
C GLY C 33 0.56 -20.88 26.97
N ARG C 34 1.00 -21.44 25.85
CA ARG C 34 1.80 -20.71 24.88
C ARG C 34 0.98 -19.59 24.27
N THR C 35 -0.31 -19.85 24.06
CA THR C 35 -1.23 -18.85 23.58
C THR C 35 -1.50 -17.75 24.64
N LEU C 36 -1.58 -18.17 25.90
CA LEU C 36 -1.85 -17.22 26.97
C LEU C 36 -0.66 -16.28 27.11
N LYS C 37 0.55 -16.80 26.87
CA LYS C 37 1.82 -16.03 26.87
C LYS C 37 1.91 -15.01 25.72
N THR C 38 1.50 -15.45 24.52
CA THR C 38 1.26 -14.51 23.44
C THR C 38 0.38 -13.37 23.84
N LEU C 39 -0.74 -13.66 24.49
CA LEU C 39 -1.69 -12.60 24.86
C LEU C 39 -1.04 -11.72 25.93
N TYR C 40 -0.31 -12.35 26.85
CA TYR C 40 0.44 -11.56 27.88
C TYR C 40 1.45 -10.61 27.19
N LYS C 41 2.17 -11.10 26.19
CA LYS C 41 3.12 -10.22 25.47
C LYS C 41 2.45 -9.02 24.80
N LEU C 42 1.27 -9.25 24.21
CA LEU C 42 0.50 -8.18 23.58
C LEU C 42 -0.04 -7.20 24.62
N SER C 43 -0.42 -7.73 25.79
CA SER C 43 -0.75 -6.92 26.92
C SER C 43 0.46 -6.07 27.37
N ALA C 44 1.60 -6.70 27.64
CA ALA C 44 2.74 -5.94 28.19
C ALA C 44 3.17 -4.86 27.20
N LYS C 45 3.11 -5.20 25.91
CA LYS C 45 3.46 -4.27 24.83
C LYS C 45 2.49 -3.07 24.76
N GLY C 46 1.26 -3.19 25.23
CA GLY C 46 0.34 -2.01 25.24
C GLY C 46 -0.95 -2.21 24.43
N TYR C 47 -1.02 -3.29 23.66
CA TYR C 47 -2.16 -3.55 22.81
C TYR C 47 -3.40 -3.98 23.53
N ILE C 48 -3.26 -4.86 24.51
CA ILE C 48 -4.44 -5.35 25.26
C ILE C 48 -4.36 -4.82 26.70
N THR C 49 -5.44 -4.25 27.16
CA THR C 49 -5.52 -3.72 28.53
C THR C 49 -6.19 -4.73 29.44
N ALA C 50 -7.41 -5.17 29.05
CA ALA C 50 -8.20 -6.14 29.81
C ALA C 50 -8.98 -7.08 28.86
N MSE C 51 -8.82 -8.38 29.03
CA MSE C 51 -9.63 -9.35 28.26
C MSE C 51 -11.01 -9.42 28.89
O MSE C 51 -11.11 -9.28 30.11
CB MSE C 51 -8.98 -10.72 28.26
CG MSE C 51 -7.60 -10.78 27.61
SE MSE C 51 -7.64 -10.76 25.63
CE MSE C 51 -8.95 -12.18 25.05
N GLY C 52 -12.05 -9.61 28.08
CA GLY C 52 -13.42 -9.61 28.57
C GLY C 52 -14.22 -10.86 28.22
N GLY C 53 -15.45 -10.69 27.78
CA GLY C 53 -16.34 -11.77 27.45
C GLY C 53 -15.90 -12.76 26.37
N VAL C 54 -16.38 -13.99 26.51
CA VAL C 54 -16.19 -14.98 25.48
C VAL C 54 -17.34 -14.77 24.48
N ILE C 55 -16.97 -14.53 23.21
CA ILE C 55 -17.92 -14.23 22.10
C ILE C 55 -18.19 -15.48 21.26
N SER C 56 -17.19 -16.29 20.96
CA SER C 56 -17.35 -17.50 20.16
C SER C 56 -16.31 -18.51 20.57
N THR C 57 -16.75 -19.76 20.70
CA THR C 57 -15.83 -20.89 20.88
C THR C 57 -16.10 -21.81 19.71
N GLY C 58 -15.07 -22.18 18.96
CA GLY C 58 -15.25 -23.00 17.77
C GLY C 58 -14.20 -24.09 17.61
N LYS C 59 -14.32 -24.82 16.49
CA LYS C 59 -13.37 -25.86 16.10
C LYS C 59 -12.05 -25.27 15.63
N GLU C 60 -12.08 -24.14 14.96
CA GLU C 60 -10.81 -23.58 14.57
C GLU C 60 -10.43 -22.35 15.35
N ALA C 61 -11.40 -21.55 15.79
CA ALA C 61 -11.10 -20.27 16.44
C ALA C 61 -11.99 -19.96 17.62
N ASN C 62 -11.46 -19.08 18.46
CA ASN C 62 -12.14 -18.51 19.59
C ASN C 62 -12.06 -17.02 19.50
N VAL C 63 -13.16 -16.36 19.84
CA VAL C 63 -13.23 -14.91 19.66
C VAL C 63 -13.62 -14.35 21.01
N PHE C 64 -12.85 -13.34 21.41
CA PHE C 64 -13.08 -12.70 22.71
C PHE C 64 -13.26 -11.21 22.58
N TYR C 65 -14.00 -10.62 23.52
CA TYR C 65 -14.04 -9.17 23.69
C TYR C 65 -12.72 -8.78 24.42
N ALA C 66 -12.11 -7.63 24.07
CA ALA C 66 -11.04 -7.02 24.87
C ALA C 66 -11.08 -5.51 24.77
N ASP C 67 -10.64 -4.84 25.84
CA ASP C 67 -10.30 -3.44 25.71
C ASP C 67 -8.81 -3.32 25.34
N GLY C 68 -8.48 -2.41 24.42
CA GLY C 68 -7.09 -2.31 23.99
C GLY C 68 -6.66 -0.90 23.64
N VAL C 69 -5.51 -0.78 23.02
CA VAL C 69 -5.01 0.49 22.52
C VAL C 69 -4.49 0.27 21.13
N PHE C 70 -4.85 1.21 20.25
CA PHE C 70 -4.53 1.18 18.85
C PHE C 70 -4.30 2.61 18.34
N ASP C 71 -3.24 2.78 17.54
CA ASP C 71 -2.83 4.09 17.05
C ASP C 71 -2.88 5.05 18.27
N GLY C 72 -2.35 4.56 19.39
CA GLY C 72 -2.16 5.34 20.61
C GLY C 72 -3.36 5.47 21.52
N LYS C 73 -4.56 5.27 20.96
CA LYS C 73 -5.81 5.53 21.69
C LYS C 73 -6.61 4.24 22.06
N PRO C 74 -7.37 4.30 23.17
CA PRO C 74 -8.22 3.18 23.60
C PRO C 74 -9.24 2.76 22.55
N VAL C 75 -9.36 1.45 22.38
CA VAL C 75 -10.26 0.84 21.42
C VAL C 75 -10.89 -0.44 22.02
N ALA C 76 -12.12 -0.71 21.59
CA ALA C 76 -12.84 -1.97 21.83
C ALA C 76 -12.42 -2.93 20.73
N MSE C 77 -12.09 -4.17 21.10
CA MSE C 77 -11.49 -5.11 20.19
C MSE C 77 -12.23 -6.46 20.18
O MSE C 77 -12.67 -6.95 21.22
CB MSE C 77 -10.05 -5.37 20.60
CG MSE C 77 -9.09 -4.17 20.56
SE MSE C 77 -7.34 -4.78 21.10
CE MSE C 77 -6.30 -3.44 20.21
N ALA C 78 -12.36 -7.06 19.00
CA ALA C 78 -12.55 -8.50 18.96
C ALA C 78 -11.17 -9.14 18.88
N VAL C 79 -10.92 -10.16 19.69
CA VAL C 79 -9.64 -10.85 19.67
C VAL C 79 -9.89 -12.27 19.15
N LYS C 80 -9.42 -12.57 17.95
CA LYS C 80 -9.61 -13.91 17.36
C LYS C 80 -8.34 -14.76 17.44
N ILE C 81 -8.49 -15.95 17.99
CA ILE C 81 -7.36 -16.79 18.25
C ILE C 81 -7.62 -18.16 17.63
N TYR C 82 -6.72 -18.57 16.75
CA TYR C 82 -6.73 -19.89 16.15
C TYR C 82 -6.08 -20.94 17.05
N ARG C 83 -6.77 -22.08 17.19
CA ARG C 83 -6.22 -23.22 17.92
C ARG C 83 -5.04 -23.78 17.17
N ILE C 84 -3.99 -24.12 17.89
CA ILE C 84 -2.80 -24.67 17.28
C ILE C 84 -2.74 -26.19 17.44
N MSE C 92 -7.72 -25.93 5.06
CA MSE C 92 -6.73 -24.86 5.00
C MSE C 92 -5.84 -24.95 3.76
O MSE C 92 -5.49 -23.93 3.17
CB MSE C 92 -5.85 -24.85 6.26
CG MSE C 92 -6.40 -23.98 7.40
SE MSE C 92 -5.06 -23.50 8.80
CE MSE C 92 -3.59 -22.80 7.73
N ASP C 93 -5.47 -26.19 3.39
CA ASP C 93 -4.51 -26.45 2.31
C ASP C 93 -4.87 -25.77 1.01
N GLU C 94 -6.12 -25.98 0.58
CA GLU C 94 -6.59 -25.43 -0.69
C GLU C 94 -6.59 -23.90 -0.73
N TYR C 95 -6.70 -23.25 0.44
CA TYR C 95 -6.72 -21.78 0.51
C TYR C 95 -5.35 -21.11 0.73
N LEU C 96 -4.35 -21.92 1.10
CA LEU C 96 -2.95 -21.47 1.25
C LEU C 96 -2.04 -21.80 0.05
N TYR C 97 -2.27 -22.95 -0.57
CA TYR C 97 -1.62 -23.27 -1.83
C TYR C 97 -2.32 -22.47 -2.92
N GLY C 98 -1.56 -21.65 -3.64
CA GLY C 98 -2.12 -20.83 -4.72
C GLY C 98 -1.91 -19.36 -4.46
N ASP C 99 -1.42 -19.06 -3.26
CA ASP C 99 -1.21 -17.68 -2.82
C ASP C 99 0.26 -17.54 -2.40
N LYS C 110 2.53 -27.24 11.65
CA LYS C 110 2.98 -26.75 12.95
C LYS C 110 2.92 -25.23 13.03
N GLU C 111 3.33 -24.60 11.92
CA GLU C 111 3.41 -23.15 11.74
C GLU C 111 2.41 -22.65 10.72
N LYS C 112 1.71 -23.60 10.08
CA LYS C 112 0.62 -23.29 9.17
C LYS C 112 -0.44 -22.36 9.78
N VAL C 113 -0.88 -22.71 10.98
CA VAL C 113 -1.73 -21.83 11.82
C VAL C 113 -1.28 -20.36 11.90
N PHE C 114 0.03 -20.12 11.99
CA PHE C 114 0.57 -18.76 12.09
C PHE C 114 0.46 -18.02 10.76
N ILE C 115 0.65 -18.76 9.67
CA ILE C 115 0.51 -18.22 8.35
C ILE C 115 -0.97 -17.87 8.10
N TRP C 116 -1.87 -18.73 8.56
CA TRP C 116 -3.27 -18.52 8.34
C TRP C 116 -3.73 -17.22 8.98
N THR C 117 -3.26 -17.01 10.22
CA THR C 117 -3.62 -15.88 11.07
C THR C 117 -3.06 -14.65 10.40
N GLU C 118 -1.80 -14.74 9.98
CA GLU C 118 -1.19 -13.62 9.23
C GLU C 118 -1.97 -13.31 7.96
N LYS C 119 -2.37 -14.36 7.26
CA LYS C 119 -3.16 -14.23 6.01
C LYS C 119 -4.54 -13.59 6.22
N GLU C 120 -5.20 -13.91 7.35
CA GLU C 120 -6.48 -13.21 7.66
C GLU C 120 -6.24 -11.74 7.87
N PHE C 121 -5.20 -11.42 8.64
CA PHE C 121 -4.82 -10.04 8.86
C PHE C 121 -4.57 -9.26 7.55
N ARG C 122 -3.72 -9.83 6.69
CA ARG C 122 -3.39 -9.17 5.41
C ARG C 122 -4.60 -9.06 4.51
N ASN C 123 -5.46 -10.08 4.51
CA ASN C 123 -6.76 -10.01 3.82
C ASN C 123 -7.69 -8.90 4.31
N LEU C 124 -7.88 -8.78 5.61
CA LEU C 124 -8.64 -7.66 6.20
C LEU C 124 -8.02 -6.27 5.90
N GLU C 125 -6.69 -6.17 6.00
CA GLU C 125 -5.98 -4.94 5.61
C GLU C 125 -6.24 -4.58 4.14
N ARG C 126 -6.02 -5.57 3.27
CA ARG C 126 -6.29 -5.43 1.83
C ARG C 126 -7.73 -4.97 1.52
N ALA C 127 -8.74 -5.58 2.17
CA ALA C 127 -10.16 -5.22 2.03
C ALA C 127 -10.50 -3.85 2.55
N LYS C 128 -10.10 -3.56 3.80
CA LYS C 128 -10.35 -2.27 4.43
C LYS C 128 -9.81 -1.11 3.60
N GLU C 129 -8.63 -1.27 3.08
CA GLU C 129 -7.99 -0.20 2.27
C GLU C 129 -8.72 0.00 0.95
N ALA C 130 -9.43 -1.03 0.48
CA ALA C 130 -10.16 -0.92 -0.77
C ALA C 130 -11.53 -0.31 -0.53
N GLY C 131 -11.84 -0.05 0.73
CA GLY C 131 -13.15 0.48 1.09
C GLY C 131 -14.24 -0.59 1.25
N VAL C 132 -13.85 -1.84 1.40
CA VAL C 132 -14.77 -2.91 1.82
C VAL C 132 -15.12 -2.77 3.30
N SER C 133 -16.38 -3.03 3.67
CA SER C 133 -16.82 -2.96 5.09
C SER C 133 -16.42 -4.26 5.82
N VAL C 134 -15.23 -4.19 6.45
CA VAL C 134 -14.70 -5.20 7.35
C VAL C 134 -14.26 -4.50 8.64
N PRO C 135 -14.02 -5.26 9.74
CA PRO C 135 -13.48 -4.56 10.94
C PRO C 135 -12.04 -4.16 10.70
N GLN C 136 -11.67 -2.99 11.20
CA GLN C 136 -10.31 -2.49 11.04
C GLN C 136 -9.35 -3.44 11.71
N PRO C 137 -8.43 -4.08 10.96
CA PRO C 137 -7.46 -4.89 11.66
C PRO C 137 -6.46 -3.99 12.40
N TYR C 138 -5.98 -4.47 13.55
CA TYR C 138 -5.08 -3.72 14.41
C TYR C 138 -3.74 -4.40 14.35
N THR C 139 -3.67 -5.64 14.78
CA THR C 139 -2.39 -6.34 14.73
C THR C 139 -2.57 -7.83 14.80
N TYR C 140 -1.49 -8.58 14.65
CA TYR C 140 -1.55 -10.02 14.84
C TYR C 140 -0.22 -10.44 15.47
N MSE C 141 -0.23 -11.56 16.18
CA MSE C 141 1.00 -12.10 16.69
C MSE C 141 0.79 -13.58 16.79
O MSE C 141 -0.12 -14.02 17.51
CB MSE C 141 1.33 -11.49 18.05
CG MSE C 141 2.32 -12.29 18.84
SE MSE C 141 3.24 -11.16 20.16
CE MSE C 141 4.02 -9.91 18.82
N LYS C 142 1.58 -14.36 16.06
CA LYS C 142 1.43 -15.81 16.14
C LYS C 142 -0.03 -16.21 15.74
N ASN C 143 -0.77 -16.88 16.63
CA ASN C 143 -2.17 -17.26 16.34
C ASN C 143 -3.26 -16.28 16.88
N VAL C 144 -2.84 -15.06 17.22
CA VAL C 144 -3.79 -14.08 17.74
C VAL C 144 -3.97 -12.93 16.73
N LEU C 145 -5.22 -12.58 16.46
CA LEU C 145 -5.55 -11.42 15.64
C LEU C 145 -6.33 -10.39 16.46
N LEU C 146 -5.88 -9.13 16.47
CA LEU C 146 -6.72 -8.11 17.14
C LEU C 146 -7.37 -7.22 16.08
N MSE C 147 -8.67 -7.00 16.20
CA MSE C 147 -9.35 -6.16 15.27
C MSE C 147 -10.48 -5.42 15.99
O MSE C 147 -10.84 -5.75 17.12
CB MSE C 147 -9.87 -7.05 14.12
CG MSE C 147 -10.80 -8.12 14.65
SE MSE C 147 -11.63 -9.17 13.19
CE MSE C 147 -11.49 -10.83 14.09
N GLU C 148 -11.02 -4.42 15.29
CA GLU C 148 -12.13 -3.61 15.71
C GLU C 148 -13.31 -4.48 16.10
N PHE C 149 -13.85 -4.26 17.31
CA PHE C 149 -15.08 -4.92 17.77
C PHE C 149 -16.25 -4.36 17.05
N ILE C 150 -17.06 -5.22 16.46
CA ILE C 150 -18.25 -4.72 15.78
C ILE C 150 -19.48 -5.09 16.63
N GLY C 151 -20.18 -4.11 17.16
CA GLY C 151 -21.37 -4.38 17.96
C GLY C 151 -21.60 -3.26 18.92
N GLU C 152 -22.51 -3.44 19.88
CA GLU C 152 -22.59 -2.46 20.96
C GLU C 152 -22.60 -3.07 22.35
N ASP C 153 -21.86 -2.43 23.25
CA ASP C 153 -21.82 -2.76 24.69
C ASP C 153 -21.25 -4.15 24.97
N GLU C 154 -20.15 -4.45 24.30
CA GLU C 154 -19.47 -5.73 24.40
C GLU C 154 -20.26 -6.93 23.84
N LEU C 155 -21.42 -6.65 23.27
CA LEU C 155 -22.12 -7.68 22.49
C LEU C 155 -22.02 -7.42 20.98
N PRO C 156 -21.65 -8.47 20.22
CA PRO C 156 -21.34 -8.29 18.80
C PRO C 156 -22.60 -8.03 18.02
N ALA C 157 -22.41 -7.48 16.83
CA ALA C 157 -23.49 -7.32 15.89
C ALA C 157 -23.97 -8.70 15.53
N PRO C 158 -25.27 -8.82 15.22
CA PRO C 158 -25.77 -10.10 14.78
C PRO C 158 -25.27 -10.41 13.36
N THR C 159 -25.09 -11.69 13.05
CA THR C 159 -24.89 -12.12 11.68
C THR C 159 -26.27 -12.15 11.00
N LEU C 160 -26.29 -12.17 9.67
CA LEU C 160 -27.56 -12.26 8.95
C LEU C 160 -28.39 -13.47 9.43
N VAL C 161 -27.72 -14.56 9.74
CA VAL C 161 -28.33 -15.72 10.36
C VAL C 161 -29.14 -15.32 11.60
N GLU C 162 -28.48 -14.56 12.49
CA GLU C 162 -28.97 -14.28 13.82
C GLU C 162 -30.14 -13.32 13.75
N LEU C 163 -30.09 -12.40 12.77
CA LEU C 163 -31.22 -11.50 12.47
C LEU C 163 -32.46 -12.30 12.14
N GLY C 164 -32.34 -13.20 11.18
CA GLY C 164 -33.41 -14.11 10.82
C GLY C 164 -34.65 -13.35 10.38
N ARG C 165 -35.73 -13.65 11.09
CA ARG C 165 -37.06 -13.11 10.87
C ARG C 165 -37.09 -11.57 10.85
N GLU C 166 -36.24 -10.96 11.66
CA GLU C 166 -36.13 -9.53 11.73
C GLU C 166 -35.74 -8.84 10.40
N LEU C 167 -35.06 -9.58 9.51
CA LEU C 167 -34.75 -9.08 8.16
C LEU C 167 -35.99 -8.66 7.37
N LYS C 168 -37.11 -9.31 7.63
CA LYS C 168 -38.39 -8.92 7.04
C LYS C 168 -38.88 -7.54 7.48
N GLU C 169 -38.23 -6.95 8.50
CA GLU C 169 -38.54 -5.59 8.99
C GLU C 169 -37.51 -4.52 8.52
N LEU C 170 -36.42 -5.01 7.92
CA LEU C 170 -35.34 -4.20 7.30
C LEU C 170 -35.47 -4.08 5.76
N ASP C 171 -34.72 -3.15 5.15
CA ASP C 171 -34.73 -3.00 3.70
C ASP C 171 -33.82 -4.06 3.10
N VAL C 172 -34.39 -5.26 2.91
CA VAL C 172 -33.62 -6.45 2.60
C VAL C 172 -32.96 -6.30 1.24
N GLU C 173 -33.65 -5.70 0.29
CA GLU C 173 -33.01 -5.42 -0.98
C GLU C 173 -31.84 -4.44 -0.84
N GLY C 174 -31.98 -3.45 0.04
CA GLY C 174 -30.87 -2.54 0.30
C GLY C 174 -29.69 -3.33 0.91
N ILE C 175 -29.97 -4.17 1.91
CA ILE C 175 -28.93 -4.97 2.56
C ILE C 175 -28.26 -5.89 1.54
N PHE C 176 -29.05 -6.62 0.73
CA PHE C 176 -28.48 -7.36 -0.41
C PHE C 176 -27.60 -6.49 -1.34
N ASN C 177 -28.09 -5.33 -1.73
CA ASN C 177 -27.28 -4.47 -2.58
C ASN C 177 -25.95 -4.13 -1.90
N ASP C 178 -25.99 -3.91 -0.60
CA ASP C 178 -24.83 -3.54 0.22
C ASP C 178 -23.80 -4.67 0.15
N VAL C 179 -24.29 -5.91 0.26
CA VAL C 179 -23.45 -7.10 0.18
C VAL C 179 -22.83 -7.20 -1.18
N VAL C 180 -23.63 -6.98 -2.22
CA VAL C 180 -23.12 -7.04 -3.62
C VAL C 180 -22.04 -5.98 -3.87
N GLU C 181 -22.30 -4.73 -3.45
CA GLU C 181 -21.31 -3.63 -3.52
C GLU C 181 -19.94 -3.99 -2.86
N ASN C 182 -20.05 -4.58 -1.68
CA ASN C 182 -18.89 -5.03 -0.96
C ASN C 182 -18.13 -6.14 -1.64
N VAL C 183 -18.87 -7.13 -2.15
CA VAL C 183 -18.25 -8.15 -2.95
C VAL C 183 -17.56 -7.55 -4.22
N LYS C 184 -18.17 -6.51 -4.80
CA LYS C 184 -17.62 -5.86 -6.00
C LYS C 184 -16.33 -5.09 -5.60
N ARG C 185 -16.38 -4.34 -4.52
CA ARG C 185 -15.18 -3.64 -4.10
C ARG C 185 -14.04 -4.58 -3.77
N LEU C 186 -14.36 -5.75 -3.22
CA LEU C 186 -13.34 -6.74 -2.76
C LEU C 186 -12.66 -7.40 -3.96
N TYR C 187 -13.47 -7.69 -4.97
CA TYR C 187 -12.97 -8.22 -6.21
C TYR C 187 -12.19 -7.17 -7.00
N GLN C 188 -12.77 -6.00 -7.19
CA GLN C 188 -12.21 -5.07 -8.15
C GLN C 188 -11.10 -4.20 -7.56
N GLU C 189 -11.19 -3.88 -6.27
CA GLU C 189 -10.26 -2.95 -5.66
C GLU C 189 -9.26 -3.69 -4.78
N ALA C 190 -9.75 -4.54 -3.91
CA ALA C 190 -8.85 -5.29 -3.05
C ALA C 190 -8.30 -6.50 -3.77
N GLU C 191 -8.86 -6.84 -4.92
CA GLU C 191 -8.43 -8.01 -5.70
C GLU C 191 -8.38 -9.33 -4.95
N LEU C 192 -9.52 -9.67 -4.35
CA LEU C 192 -9.65 -10.75 -3.42
C LEU C 192 -11.00 -11.47 -3.65
N VAL C 193 -11.01 -12.80 -3.52
CA VAL C 193 -12.27 -13.54 -3.33
C VAL C 193 -12.39 -14.08 -1.86
N HIS C 194 -13.53 -13.78 -1.21
CA HIS C 194 -13.74 -14.09 0.22
C HIS C 194 -13.70 -15.61 0.38
N ALA C 195 -14.43 -16.34 -0.47
CA ALA C 195 -14.38 -17.81 -0.50
C ALA C 195 -15.07 -18.54 0.66
N ASP C 196 -15.71 -17.80 1.55
CA ASP C 196 -16.59 -18.43 2.54
C ASP C 196 -17.67 -17.47 2.93
N LEU C 197 -18.18 -16.77 1.93
CA LEU C 197 -19.22 -15.72 2.10
C LEU C 197 -20.60 -16.32 2.18
N SER C 198 -21.23 -16.14 3.33
CA SER C 198 -22.58 -16.60 3.53
C SER C 198 -23.20 -15.76 4.62
N GLU C 199 -24.45 -16.08 4.93
CA GLU C 199 -25.16 -15.43 6.02
C GLU C 199 -24.50 -15.74 7.37
N TYR C 200 -23.59 -16.71 7.44
CA TYR C 200 -22.94 -17.01 8.72
C TYR C 200 -21.72 -16.09 8.96
N ASN C 201 -21.22 -15.47 7.91
CA ASN C 201 -20.04 -14.59 8.01
C ASN C 201 -20.28 -13.12 7.66
N ILE C 202 -21.53 -12.70 7.73
CA ILE C 202 -21.84 -11.29 7.46
C ILE C 202 -22.60 -10.75 8.67
N MSE C 203 -22.06 -9.69 9.30
CA MSE C 203 -22.70 -9.04 10.44
C MSE C 203 -23.44 -7.77 10.00
O MSE C 203 -23.14 -7.21 8.95
CB MSE C 203 -21.66 -8.66 11.50
CG MSE C 203 -21.07 -9.87 12.24
SE MSE C 203 -19.88 -9.21 13.71
CE MSE C 203 -18.60 -8.29 12.64
N TYR C 204 -24.41 -7.33 10.78
CA TYR C 204 -25.13 -6.13 10.36
C TYR C 204 -25.49 -5.21 11.53
N ILE C 205 -24.97 -3.98 11.47
CA ILE C 205 -25.44 -2.85 12.32
C ILE C 205 -25.49 -1.66 11.44
N ASP C 206 -26.68 -1.24 11.04
CA ASP C 206 -26.84 -0.17 10.04
C ASP C 206 -26.25 -0.43 8.66
N LYS C 207 -25.24 -1.28 8.58
CA LYS C 207 -24.67 -1.69 7.27
C LYS C 207 -24.04 -3.01 7.50
N VAL C 208 -23.71 -3.72 6.42
CA VAL C 208 -23.12 -5.04 6.58
C VAL C 208 -21.61 -4.95 6.77
N TYR C 209 -21.06 -5.96 7.44
CA TYR C 209 -19.63 -6.14 7.60
C TYR C 209 -19.31 -7.58 7.21
N PHE C 210 -18.19 -7.77 6.52
CA PHE C 210 -17.69 -9.10 6.21
C PHE C 210 -16.69 -9.44 7.28
N ILE C 211 -16.73 -10.68 7.74
CA ILE C 211 -15.65 -11.19 8.62
C ILE C 211 -15.22 -12.59 8.18
N ASP C 212 -14.33 -13.19 8.96
CA ASP C 212 -13.81 -14.55 8.72
C ASP C 212 -13.08 -14.67 7.38
N MSE C 213 -11.80 -14.30 7.37
CA MSE C 213 -11.10 -14.11 6.10
C MSE C 213 -9.76 -14.80 5.96
O MSE C 213 -9.02 -14.45 5.07
CB MSE C 213 -10.92 -12.61 5.80
CG MSE C 213 -12.24 -11.83 5.84
SE MSE C 213 -12.31 -10.30 4.63
CE MSE C 213 -11.64 -11.08 2.95
N GLY C 214 -9.46 -15.76 6.81
CA GLY C 214 -8.26 -16.56 6.66
C GLY C 214 -8.18 -17.24 5.30
N GLN C 215 -9.33 -17.74 4.81
CA GLN C 215 -9.42 -18.50 3.55
C GLN C 215 -9.38 -17.64 2.28
N ALA C 216 -9.57 -16.31 2.40
CA ALA C 216 -9.73 -15.44 1.22
C ALA C 216 -8.48 -15.49 0.32
N VAL C 217 -8.69 -15.55 -0.99
CA VAL C 217 -7.59 -15.71 -1.93
C VAL C 217 -7.49 -14.54 -2.93
N THR C 218 -6.33 -14.40 -3.58
CA THR C 218 -6.16 -13.30 -4.54
C THR C 218 -6.76 -13.78 -5.85
N LEU C 219 -6.98 -12.84 -6.76
CA LEU C 219 -7.52 -13.17 -8.08
C LEU C 219 -6.63 -14.11 -8.91
N ARG C 220 -5.35 -14.22 -8.56
CA ARG C 220 -4.40 -15.15 -9.20
C ARG C 220 -4.59 -16.63 -8.84
N HIS C 221 -5.13 -16.92 -7.66
CA HIS C 221 -5.39 -18.30 -7.21
C HIS C 221 -6.22 -19.07 -8.26
N PRO C 222 -5.81 -20.31 -8.61
CA PRO C 222 -6.55 -21.12 -9.61
C PRO C 222 -8.05 -21.27 -9.35
N MSE C 223 -8.48 -21.01 -8.11
CA MSE C 223 -9.86 -21.32 -7.73
C MSE C 223 -10.65 -20.07 -7.46
O MSE C 223 -11.81 -20.15 -7.06
CB MSE C 223 -9.83 -22.14 -6.46
CG MSE C 223 -10.92 -23.14 -6.35
SE MSE C 223 -10.26 -24.76 -7.15
CE MSE C 223 -8.65 -25.04 -5.95
N ALA C 224 -10.00 -18.92 -7.64
CA ALA C 224 -10.60 -17.65 -7.28
C ALA C 224 -11.99 -17.55 -7.94
N GLU C 225 -12.09 -17.99 -9.18
CA GLU C 225 -13.30 -17.82 -9.94
C GLU C 225 -14.43 -18.72 -9.42
N SER C 226 -14.13 -19.99 -9.14
CA SER C 226 -15.18 -20.88 -8.66
C SER C 226 -15.58 -20.54 -7.22
N TYR C 227 -14.61 -20.15 -6.39
CA TYR C 227 -14.90 -19.66 -5.05
C TYR C 227 -15.86 -18.49 -5.17
N LEU C 228 -15.56 -17.58 -6.10
CA LEU C 228 -16.43 -16.42 -6.36
C LEU C 228 -17.87 -16.83 -6.75
N GLU C 229 -18.03 -17.78 -7.65
CA GLU C 229 -19.38 -18.16 -8.06
C GLU C 229 -20.17 -18.69 -6.87
N ARG C 230 -19.49 -19.52 -6.09
CA ARG C 230 -20.06 -20.12 -4.90
C ARG C 230 -20.54 -19.06 -3.90
N ASP C 231 -19.72 -18.02 -3.69
CA ASP C 231 -20.08 -16.88 -2.84
C ASP C 231 -21.38 -16.23 -3.37
N VAL C 232 -21.36 -15.85 -4.64
CA VAL C 232 -22.51 -15.23 -5.29
C VAL C 232 -23.78 -16.12 -5.20
N ARG C 233 -23.67 -17.42 -5.41
CA ARG C 233 -24.83 -18.32 -5.25
C ARG C 233 -25.34 -18.37 -3.82
N ASN C 234 -24.44 -18.39 -2.83
CA ASN C 234 -24.84 -18.49 -1.41
C ASN C 234 -25.62 -17.27 -1.03
N ILE C 235 -25.12 -16.10 -1.44
CA ILE C 235 -25.83 -14.83 -1.31
C ILE C 235 -27.21 -14.79 -2.00
N ILE C 236 -27.26 -15.13 -3.30
CA ILE C 236 -28.54 -15.15 -3.96
C ILE C 236 -29.56 -16.07 -3.22
N ARG C 237 -29.10 -17.25 -2.84
CA ARG C 237 -29.95 -18.25 -2.17
C ARG C 237 -30.46 -17.79 -0.81
N PHE C 238 -29.58 -17.20 0.00
CA PHE C 238 -30.00 -16.65 1.31
C PHE C 238 -31.07 -15.60 1.13
N PHE C 239 -30.79 -14.59 0.30
CA PHE C 239 -31.77 -13.48 0.14
C PHE C 239 -33.11 -13.83 -0.56
N SER C 240 -33.14 -14.94 -1.30
CA SER C 240 -34.38 -15.34 -1.98
C SER C 240 -35.42 -15.73 -0.95
N LYS C 241 -34.95 -16.18 0.23
CA LYS C 241 -35.82 -16.50 1.35
C LYS C 241 -36.47 -15.27 1.95
N TYR C 242 -35.99 -14.07 1.64
CA TYR C 242 -36.58 -12.81 2.14
C TYR C 242 -37.20 -11.92 1.05
N GLY C 243 -37.33 -12.45 -0.14
CA GLY C 243 -38.09 -11.76 -1.17
C GLY C 243 -37.22 -10.98 -2.12
N VAL C 244 -35.91 -11.22 -2.08
CA VAL C 244 -34.99 -10.51 -2.99
C VAL C 244 -34.83 -11.40 -4.20
N LYS C 245 -35.21 -10.88 -5.38
CA LYS C 245 -35.10 -11.60 -6.64
C LYS C 245 -33.86 -11.12 -7.39
N ALA C 246 -33.04 -12.05 -7.86
CA ALA C 246 -31.75 -11.68 -8.38
C ALA C 246 -31.21 -12.80 -9.23
N ASP C 247 -30.46 -12.44 -10.27
CA ASP C 247 -29.94 -13.38 -11.23
C ASP C 247 -28.46 -13.60 -11.04
N PHE C 248 -28.09 -14.84 -10.79
CA PHE C 248 -26.68 -15.27 -10.74
C PHE C 248 -25.77 -14.63 -11.81
N GLU C 249 -26.20 -14.74 -13.06
CA GLU C 249 -25.48 -14.21 -14.19
C GLU C 249 -25.25 -12.69 -14.08
N GLU C 250 -26.31 -11.96 -13.74
CA GLU C 250 -26.21 -10.53 -13.60
C GLU C 250 -25.38 -10.05 -12.38
N MSE C 251 -25.56 -10.69 -11.22
CA MSE C 251 -24.70 -10.42 -10.05
C MSE C 251 -23.21 -10.69 -10.32
O MSE C 251 -22.38 -9.87 -9.96
CB MSE C 251 -25.11 -11.24 -8.82
CG MSE C 251 -24.22 -10.97 -7.61
SE MSE C 251 -24.78 -11.70 -5.80
CE MSE C 251 -22.92 -11.37 -4.89
N LEU C 252 -22.91 -11.84 -10.93
CA LEU C 252 -21.52 -12.18 -11.28
C LEU C 252 -20.87 -11.13 -12.22
N LYS C 253 -21.62 -10.65 -13.21
CA LYS C 253 -21.13 -9.62 -14.13
C LYS C 253 -21.00 -8.25 -13.46
N GLU C 254 -21.86 -7.95 -12.51
CA GLU C 254 -21.73 -6.76 -11.65
C GLU C 254 -20.43 -6.80 -10.80
N VAL C 255 -20.23 -7.90 -10.09
CA VAL C 255 -19.02 -8.07 -9.28
C VAL C 255 -17.73 -8.02 -10.10
N LYS C 256 -17.76 -8.65 -11.27
CA LYS C 256 -16.56 -8.73 -12.14
C LYS C 256 -16.41 -7.53 -13.08
N GLY C 257 -17.44 -6.70 -13.15
CA GLY C 257 -17.42 -5.52 -13.99
C GLY C 257 -17.37 -5.90 -15.45
N GLU C 258 -18.02 -7.02 -15.78
CA GLU C 258 -18.31 -7.37 -17.15
C GLU C 258 -19.62 -6.68 -17.52
N MSE D 1 -59.86 -29.12 -8.64
CA MSE D 1 -59.02 -29.18 -7.39
C MSE D 1 -59.50 -28.18 -6.33
O MSE D 1 -59.80 -27.04 -6.67
CB MSE D 1 -57.50 -28.94 -7.72
N LYS D 2 -59.58 -28.61 -5.06
CA LYS D 2 -60.02 -27.71 -3.98
C LYS D 2 -59.20 -26.41 -3.92
N ASP D 3 -59.89 -25.31 -3.64
CA ASP D 3 -59.23 -24.05 -3.29
C ASP D 3 -58.82 -24.11 -1.84
N LEU D 4 -57.58 -24.50 -1.61
CA LEU D 4 -57.03 -24.60 -0.26
C LEU D 4 -56.82 -23.20 0.29
N LYS D 5 -57.20 -23.02 1.54
CA LYS D 5 -57.21 -21.69 2.13
C LYS D 5 -55.87 -21.32 2.75
N LYS D 6 -55.06 -22.32 3.10
CA LYS D 6 -53.72 -22.09 3.69
C LYS D 6 -52.61 -22.53 2.75
N ILE D 7 -51.59 -21.68 2.60
CA ILE D 7 -50.36 -21.99 1.85
C ILE D 7 -49.72 -23.29 2.29
N GLU D 8 -49.74 -23.53 3.59
CA GLU D 8 -49.17 -24.73 4.18
C GLU D 8 -49.85 -26.00 3.62
N SER D 9 -51.14 -25.88 3.29
CA SER D 9 -51.89 -27.03 2.72
C SER D 9 -51.33 -27.39 1.38
N TYR D 10 -51.06 -26.38 0.57
CA TYR D 10 -50.49 -26.64 -0.75
C TYR D 10 -49.14 -27.30 -0.59
N LEU D 11 -48.30 -26.77 0.30
CA LEU D 11 -46.97 -27.36 0.46
C LEU D 11 -47.04 -28.85 0.87
N ASP D 12 -47.99 -29.14 1.77
CA ASP D 12 -48.31 -30.51 2.16
C ASP D 12 -48.77 -31.38 0.95
N LYS D 13 -49.65 -30.86 0.09
CA LYS D 13 -50.07 -31.56 -1.13
C LYS D 13 -48.89 -31.91 -2.04
N LEU D 14 -47.92 -31.00 -2.06
CA LEU D 14 -46.76 -31.11 -2.92
C LEU D 14 -45.64 -31.93 -2.29
N ARG D 15 -45.89 -32.40 -1.07
CA ARG D 15 -44.98 -33.31 -0.32
C ARG D 15 -43.64 -32.67 0.09
N ILE D 16 -43.65 -31.37 0.31
CA ILE D 16 -42.50 -30.62 0.81
C ILE D 16 -42.48 -30.79 2.33
N LYS D 17 -41.51 -31.55 2.82
CA LYS D 17 -41.52 -31.93 4.23
C LYS D 17 -41.24 -30.74 5.13
N GLU D 18 -42.07 -30.62 6.16
CA GLU D 18 -41.97 -29.61 7.21
C GLU D 18 -40.60 -29.64 7.86
N LYS D 19 -40.02 -30.83 7.88
CA LYS D 19 -38.68 -31.07 8.37
C LYS D 19 -37.64 -30.35 7.49
N ASP D 20 -37.95 -30.17 6.21
CA ASP D 20 -37.07 -29.46 5.28
C ASP D 20 -37.39 -27.99 5.29
N GLY D 21 -36.86 -27.33 6.33
CA GLY D 21 -37.23 -25.97 6.67
C GLY D 21 -36.94 -24.94 5.61
N GLU D 22 -35.68 -24.92 5.14
CA GLU D 22 -35.25 -24.04 4.03
C GLU D 22 -36.08 -24.26 2.74
N GLU D 23 -36.30 -25.50 2.31
CA GLU D 23 -37.17 -25.79 1.17
C GLU D 23 -38.55 -25.16 1.31
N ARG D 24 -39.23 -25.44 2.43
CA ARG D 24 -40.55 -24.87 2.71
C ARG D 24 -40.56 -23.36 2.74
N LYS D 25 -39.55 -22.79 3.38
CA LYS D 25 -39.39 -21.35 3.47
C LYS D 25 -39.30 -20.73 2.06
N ILE D 26 -38.40 -21.27 1.23
CA ILE D 26 -38.14 -20.74 -0.09
C ILE D 26 -39.42 -20.83 -0.97
N TYR D 27 -40.06 -22.01 -1.00
CA TYR D 27 -41.28 -22.19 -1.81
C TYR D 27 -42.38 -21.21 -1.42
N ALA D 28 -42.59 -21.05 -0.11
CA ALA D 28 -43.58 -20.12 0.44
C ALA D 28 -43.21 -18.68 0.05
N GLU D 29 -41.93 -18.39 -0.02
CA GLU D 29 -41.49 -17.05 -0.39
C GLU D 29 -41.49 -16.78 -1.91
N VAL D 30 -40.98 -17.73 -2.70
CA VAL D 30 -40.82 -17.52 -4.14
C VAL D 30 -42.08 -17.72 -4.99
N LEU D 31 -43.09 -18.43 -4.47
CA LEU D 31 -44.29 -18.76 -5.26
C LEU D 31 -45.62 -18.29 -4.69
N ASP D 32 -46.47 -17.70 -5.51
CA ASP D 32 -47.77 -17.22 -5.04
C ASP D 32 -48.81 -18.35 -4.94
N GLY D 33 -49.95 -18.05 -4.33
CA GLY D 33 -51.00 -19.06 -4.12
C GLY D 33 -51.52 -19.63 -5.43
N ARG D 34 -51.61 -18.78 -6.44
CA ARG D 34 -52.08 -19.18 -7.75
C ARG D 34 -51.12 -20.19 -8.36
N THR D 35 -49.81 -19.95 -8.23
CA THR D 35 -48.81 -20.88 -8.75
C THR D 35 -48.86 -22.19 -8.02
N LEU D 36 -49.08 -22.11 -6.72
CA LEU D 36 -49.17 -23.28 -5.85
C LEU D 36 -50.39 -24.13 -6.21
N LYS D 37 -51.54 -23.50 -6.48
CA LYS D 37 -52.72 -24.18 -6.97
C LYS D 37 -52.51 -24.87 -8.35
N THR D 38 -51.71 -24.25 -9.23
CA THR D 38 -51.40 -24.84 -10.52
C THR D 38 -50.54 -26.08 -10.32
N LEU D 39 -49.55 -25.97 -9.43
CA LEU D 39 -48.74 -27.12 -9.11
C LEU D 39 -49.60 -28.24 -8.50
N TYR D 40 -50.54 -27.88 -7.62
CA TYR D 40 -51.41 -28.88 -7.03
C TYR D 40 -52.27 -29.50 -8.15
N LYS D 41 -52.85 -28.68 -8.99
CA LYS D 41 -53.60 -29.21 -10.13
C LYS D 41 -52.79 -30.24 -10.91
N LEU D 42 -51.51 -29.97 -11.13
CA LEU D 42 -50.65 -30.87 -11.88
C LEU D 42 -50.34 -32.13 -11.09
N SER D 43 -50.25 -31.98 -9.78
CA SER D 43 -50.04 -33.13 -8.93
C SER D 43 -51.33 -33.98 -8.97
N ALA D 44 -52.49 -33.36 -8.74
CA ALA D 44 -53.73 -34.15 -8.79
C ALA D 44 -53.91 -34.88 -10.15
N LYS D 45 -53.62 -34.19 -11.27
CA LYS D 45 -53.79 -34.74 -12.60
C LYS D 45 -52.89 -35.94 -12.85
N GLY D 46 -51.80 -36.06 -12.08
CA GLY D 46 -50.87 -37.19 -12.22
C GLY D 46 -49.43 -36.82 -12.60
N TYR D 47 -49.18 -35.58 -13.05
CA TYR D 47 -47.87 -35.19 -13.60
C TYR D 47 -46.75 -35.07 -12.57
N ILE D 48 -47.03 -34.49 -11.41
CA ILE D 48 -46.05 -34.36 -10.32
C ILE D 48 -46.37 -35.24 -9.12
N THR D 49 -45.44 -36.09 -8.74
CA THR D 49 -45.54 -36.95 -7.54
C THR D 49 -45.04 -36.19 -6.26
N ALA D 50 -43.81 -35.63 -6.29
CA ALA D 50 -43.35 -34.87 -5.11
C ALA D 50 -42.39 -33.76 -5.48
N MSE D 51 -42.54 -32.59 -4.86
CA MSE D 51 -41.63 -31.46 -5.14
C MSE D 51 -40.41 -31.63 -4.26
O MSE D 51 -40.57 -31.95 -3.10
CB MSE D 51 -42.31 -30.12 -4.87
CG MSE D 51 -43.51 -29.76 -5.79
SE MSE D 51 -43.08 -29.38 -7.68
CE MSE D 51 -41.72 -27.92 -7.56
N GLY D 52 -39.21 -31.44 -4.82
CA GLY D 52 -37.97 -31.57 -4.07
C GLY D 52 -37.20 -30.26 -3.95
N GLY D 53 -35.89 -30.36 -4.07
CA GLY D 53 -34.98 -29.24 -3.80
C GLY D 53 -35.10 -28.07 -4.75
N VAL D 54 -34.76 -26.88 -4.27
CA VAL D 54 -34.69 -25.67 -5.09
C VAL D 54 -33.39 -25.72 -5.90
N ILE D 55 -33.49 -25.51 -7.22
CA ILE D 55 -32.30 -25.66 -8.05
C ILE D 55 -31.75 -24.27 -8.37
N SER D 56 -32.64 -23.32 -8.66
CA SER D 56 -32.23 -21.96 -8.96
C SER D 56 -33.31 -21.04 -8.55
N THR D 57 -32.95 -19.86 -8.08
CA THR D 57 -33.89 -18.82 -7.70
C THR D 57 -33.56 -17.52 -8.43
N GLY D 58 -34.40 -17.15 -9.39
CA GLY D 58 -34.00 -16.11 -10.30
C GLY D 58 -34.97 -14.98 -10.32
N LYS D 59 -34.62 -13.98 -11.11
CA LYS D 59 -35.40 -12.76 -11.28
C LYS D 59 -36.61 -13.02 -12.16
N GLU D 60 -36.51 -13.96 -13.09
CA GLU D 60 -37.70 -14.24 -13.90
C GLU D 60 -38.34 -15.59 -13.60
N ALA D 61 -37.51 -16.55 -13.19
CA ALA D 61 -37.95 -17.94 -13.08
C ALA D 61 -37.26 -18.63 -11.92
N ASN D 62 -37.95 -19.62 -11.37
CA ASN D 62 -37.44 -20.49 -10.35
C ASN D 62 -37.43 -21.90 -10.86
N VAL D 63 -36.45 -22.68 -10.43
CA VAL D 63 -36.30 -24.06 -10.94
C VAL D 63 -36.18 -25.00 -9.76
N PHE D 64 -36.96 -26.07 -9.78
CA PHE D 64 -36.98 -27.06 -8.73
C PHE D 64 -36.81 -28.47 -9.26
N TYR D 65 -36.33 -29.36 -8.40
CA TYR D 65 -36.35 -30.77 -8.68
C TYR D 65 -37.75 -31.28 -8.32
N ALA D 66 -38.27 -32.19 -9.13
CA ALA D 66 -39.48 -32.95 -8.75
C ALA D 66 -39.46 -34.37 -9.28
N ASP D 67 -40.11 -35.27 -8.56
CA ASP D 67 -40.44 -36.59 -9.09
C ASP D 67 -41.84 -36.52 -9.72
N GLY D 68 -41.95 -37.08 -10.92
CA GLY D 68 -43.15 -36.92 -11.74
C GLY D 68 -43.43 -38.20 -12.52
N VAL D 69 -44.42 -38.11 -13.40
CA VAL D 69 -44.76 -39.21 -14.29
C VAL D 69 -45.02 -38.63 -15.70
N PHE D 70 -44.40 -39.25 -16.70
CA PHE D 70 -44.56 -38.79 -18.06
C PHE D 70 -44.64 -40.00 -18.98
N ASP D 71 -45.59 -39.92 -19.91
CA ASP D 71 -45.95 -41.03 -20.79
C ASP D 71 -46.29 -42.16 -19.83
N GLY D 72 -45.68 -43.33 -19.93
CA GLY D 72 -46.07 -44.31 -18.91
C GLY D 72 -45.73 -43.95 -17.46
N LYS D 73 -44.54 -43.37 -17.25
CA LYS D 73 -43.75 -43.76 -16.11
C LYS D 73 -43.01 -42.68 -15.31
N PRO D 74 -42.55 -43.07 -14.08
CA PRO D 74 -41.84 -42.18 -13.18
C PRO D 74 -40.73 -41.49 -13.97
N VAL D 75 -40.53 -40.20 -13.76
CA VAL D 75 -39.40 -39.48 -14.36
C VAL D 75 -38.90 -38.48 -13.32
N ALA D 76 -37.62 -38.15 -13.42
CA ALA D 76 -37.02 -37.03 -12.70
C ALA D 76 -37.21 -35.77 -13.56
N MSE D 77 -37.79 -34.72 -12.97
CA MSE D 77 -38.09 -33.47 -13.64
C MSE D 77 -37.39 -32.25 -13.08
O MSE D 77 -37.12 -32.17 -11.87
CB MSE D 77 -39.59 -33.20 -13.48
CG MSE D 77 -40.43 -34.33 -14.06
SE MSE D 77 -42.25 -33.92 -13.68
CE MSE D 77 -42.98 -35.02 -14.96
N ALA D 78 -37.10 -31.28 -13.97
CA ALA D 78 -36.90 -29.91 -13.53
C ALA D 78 -38.23 -29.23 -13.73
N VAL D 79 -38.68 -28.50 -12.72
CA VAL D 79 -39.93 -27.75 -12.83
C VAL D 79 -39.47 -26.29 -12.87
N LYS D 80 -39.66 -25.66 -14.03
CA LYS D 80 -39.32 -24.27 -14.20
C LYS D 80 -40.60 -23.50 -14.16
N ILE D 81 -40.62 -22.49 -13.31
CA ILE D 81 -41.76 -21.65 -13.06
C ILE D 81 -41.45 -20.14 -13.21
N TYR D 82 -42.06 -19.49 -14.18
CA TYR D 82 -41.89 -18.05 -14.36
C TYR D 82 -42.74 -17.32 -13.37
N ARG D 83 -42.19 -16.20 -12.87
CA ARG D 83 -42.90 -15.22 -12.07
C ARG D 83 -43.94 -14.43 -12.89
N ILE D 84 -45.09 -14.12 -12.27
CA ILE D 84 -46.17 -13.46 -13.03
C ILE D 84 -45.87 -11.99 -13.40
N MSE D 92 -38.70 -9.33 -22.79
CA MSE D 92 -39.62 -10.29 -23.40
C MSE D 92 -40.15 -9.85 -24.77
O MSE D 92 -40.19 -10.63 -25.71
CB MSE D 92 -40.82 -10.62 -22.45
CG MSE D 92 -40.52 -11.62 -21.29
SE MSE D 92 -42.09 -12.71 -20.63
CE MSE D 92 -43.31 -11.22 -20.10
N ASP D 93 -40.55 -8.58 -24.88
CA ASP D 93 -41.37 -8.13 -26.01
C ASP D 93 -40.77 -8.34 -27.38
N GLU D 94 -39.47 -8.09 -27.52
CA GLU D 94 -38.81 -8.25 -28.80
C GLU D 94 -38.70 -9.70 -29.25
N TYR D 95 -38.74 -10.61 -28.28
CA TYR D 95 -38.66 -12.05 -28.52
C TYR D 95 -40.01 -12.70 -28.72
N LEU D 96 -41.06 -11.94 -28.45
CA LEU D 96 -42.43 -12.42 -28.59
C LEU D 96 -43.00 -11.95 -29.90
N TYR D 97 -42.97 -10.63 -30.11
CA TYR D 97 -43.48 -10.01 -31.34
C TYR D 97 -42.63 -10.42 -32.53
N GLY D 98 -43.29 -10.64 -33.66
CA GLY D 98 -42.60 -11.02 -34.88
C GLY D 98 -42.51 -12.52 -35.01
N ASP D 99 -42.95 -13.23 -33.98
CA ASP D 99 -43.01 -14.68 -34.04
C ASP D 99 -44.42 -15.14 -34.40
N GLU D 100 -44.53 -15.81 -35.55
CA GLU D 100 -45.81 -16.15 -36.17
C GLU D 100 -46.72 -17.06 -35.33
N ARG D 101 -46.11 -17.82 -34.42
CA ARG D 101 -46.81 -18.86 -33.70
C ARG D 101 -47.68 -18.34 -32.57
N PHE D 102 -47.52 -17.05 -32.23
CA PHE D 102 -48.19 -16.47 -31.05
C PHE D 102 -48.80 -15.10 -31.34
N ASP D 103 -50.13 -14.97 -31.19
CA ASP D 103 -50.78 -13.63 -31.28
C ASP D 103 -50.52 -12.80 -30.03
N LYS D 110 -49.17 -10.47 -18.62
CA LYS D 110 -50.06 -11.28 -17.77
C LYS D 110 -50.28 -12.60 -18.45
N GLU D 111 -51.07 -12.55 -19.52
CA GLU D 111 -51.11 -13.67 -20.41
C GLU D 111 -49.73 -13.76 -21.06
N LYS D 112 -48.99 -12.65 -21.04
CA LYS D 112 -47.62 -12.61 -21.54
C LYS D 112 -46.75 -13.72 -20.98
N VAL D 113 -46.85 -13.89 -19.67
CA VAL D 113 -46.07 -14.89 -18.97
C VAL D 113 -46.48 -16.30 -19.38
N PHE D 114 -47.78 -16.52 -19.60
CA PHE D 114 -48.29 -17.80 -20.00
C PHE D 114 -47.78 -18.14 -21.41
N ILE D 115 -47.83 -17.16 -22.30
CA ILE D 115 -47.31 -17.30 -23.67
C ILE D 115 -45.82 -17.60 -23.66
N TRP D 116 -45.06 -16.86 -22.87
CA TRP D 116 -43.65 -17.09 -22.74
C TRP D 116 -43.35 -18.53 -22.32
N THR D 117 -44.07 -19.00 -21.29
CA THR D 117 -43.96 -20.39 -20.78
C THR D 117 -44.30 -21.39 -21.90
N GLU D 118 -45.38 -21.14 -22.60
CA GLU D 118 -45.75 -21.98 -23.72
C GLU D 118 -44.71 -22.00 -24.81
N LYS D 119 -44.20 -20.81 -25.14
CA LYS D 119 -43.21 -20.63 -26.20
C LYS D 119 -41.95 -21.41 -25.87
N GLU D 120 -41.54 -21.34 -24.60
CA GLU D 120 -40.40 -22.13 -24.16
C GLU D 120 -40.63 -23.63 -24.40
N PHE D 121 -41.80 -24.11 -23.99
CA PHE D 121 -42.21 -25.49 -24.24
C PHE D 121 -42.21 -25.87 -25.72
N ARG D 122 -42.85 -25.04 -26.55
CA ARG D 122 -42.88 -25.29 -27.99
C ARG D 122 -41.49 -25.25 -28.62
N ASN D 123 -40.62 -24.36 -28.13
CA ASN D 123 -39.22 -24.30 -28.66
C ASN D 123 -38.43 -25.56 -28.29
N LEU D 124 -38.54 -26.01 -27.04
CA LEU D 124 -37.85 -27.27 -26.66
C LEU D 124 -38.34 -28.46 -27.45
N GLU D 125 -39.64 -28.55 -27.68
CA GLU D 125 -40.19 -29.65 -28.50
C GLU D 125 -39.58 -29.61 -29.90
N ARG D 126 -39.57 -28.43 -30.53
CA ARG D 126 -38.95 -28.31 -31.87
C ARG D 126 -37.51 -28.68 -31.86
N ALA D 127 -36.74 -28.20 -30.87
CA ALA D 127 -35.33 -28.53 -30.84
C ALA D 127 -35.11 -30.03 -30.63
N LYS D 128 -35.88 -30.64 -29.72
CA LYS D 128 -35.75 -32.04 -29.38
C LYS D 128 -36.15 -32.91 -30.57
N GLU D 129 -37.28 -32.60 -31.21
CA GLU D 129 -37.69 -33.35 -32.44
C GLU D 129 -36.64 -33.30 -33.57
N ALA D 130 -35.94 -32.16 -33.68
CA ALA D 130 -34.92 -31.93 -34.71
C ALA D 130 -33.62 -32.54 -34.35
N GLY D 131 -33.56 -33.17 -33.19
CA GLY D 131 -32.33 -33.84 -32.71
C GLY D 131 -31.31 -32.91 -32.01
N VAL D 132 -31.73 -31.70 -31.62
CA VAL D 132 -30.90 -30.79 -30.78
C VAL D 132 -30.79 -31.33 -29.34
N SER D 133 -29.62 -31.23 -28.71
CA SER D 133 -29.48 -31.80 -27.36
C SER D 133 -30.04 -30.82 -26.33
N VAL D 134 -31.29 -31.10 -25.92
CA VAL D 134 -32.03 -30.34 -24.91
C VAL D 134 -32.77 -31.32 -23.97
N PRO D 135 -33.17 -30.86 -22.77
CA PRO D 135 -33.99 -31.71 -21.89
C PRO D 135 -35.31 -32.11 -22.56
N GLN D 136 -35.69 -33.38 -22.52
CA GLN D 136 -37.02 -33.75 -23.06
C GLN D 136 -38.11 -32.96 -22.33
N PRO D 137 -38.85 -32.15 -23.08
CA PRO D 137 -39.99 -31.45 -22.41
C PRO D 137 -41.20 -32.34 -22.21
N TYR D 138 -41.96 -32.07 -21.14
CA TYR D 138 -43.06 -32.97 -20.71
C TYR D 138 -44.41 -32.31 -20.89
N THR D 139 -44.72 -31.35 -20.03
CA THR D 139 -45.81 -30.43 -20.23
C THR D 139 -45.49 -29.08 -19.70
N TYR D 140 -46.52 -28.25 -19.79
CA TYR D 140 -46.55 -26.95 -19.21
C TYR D 140 -48.01 -26.66 -18.88
N MSE D 141 -48.21 -25.74 -17.96
CA MSE D 141 -49.51 -25.32 -17.62
C MSE D 141 -49.34 -23.97 -16.99
O MSE D 141 -48.55 -23.82 -16.04
CB MSE D 141 -50.16 -26.32 -16.64
CG MSE D 141 -51.44 -25.80 -16.13
SE MSE D 141 -52.41 -27.12 -15.12
CE MSE D 141 -52.91 -25.99 -13.81
N LYS D 142 -50.06 -22.99 -17.53
CA LYS D 142 -49.96 -21.60 -17.09
C LYS D 142 -48.46 -21.16 -17.04
N ASN D 143 -47.92 -20.82 -15.85
CA ASN D 143 -46.51 -20.38 -15.74
C ASN D 143 -45.51 -21.49 -15.38
N VAL D 144 -45.96 -22.76 -15.47
CA VAL D 144 -45.15 -23.92 -15.02
C VAL D 144 -44.72 -24.76 -16.21
N LEU D 145 -43.43 -25.06 -16.33
CA LEU D 145 -42.89 -25.99 -17.32
C LEU D 145 -42.28 -27.23 -16.67
N LEU D 146 -42.64 -28.41 -17.16
CA LEU D 146 -42.01 -29.66 -16.67
C LEU D 146 -41.15 -30.29 -17.77
N MSE D 147 -39.91 -30.65 -17.44
CA MSE D 147 -38.98 -31.25 -18.41
C MSE D 147 -38.08 -32.20 -17.72
O MSE D 147 -38.01 -32.23 -16.48
CB MSE D 147 -38.12 -30.16 -19.08
CG MSE D 147 -37.42 -29.27 -18.09
SE MSE D 147 -36.40 -27.85 -18.98
CE MSE D 147 -36.99 -26.45 -17.83
N GLU D 148 -37.34 -32.96 -18.52
CA GLU D 148 -36.34 -33.89 -18.03
C GLU D 148 -35.30 -33.18 -17.14
N PHE D 149 -35.03 -33.75 -15.96
CA PHE D 149 -33.95 -33.31 -15.09
C PHE D 149 -32.61 -33.73 -15.67
N ILE D 150 -31.75 -32.76 -15.95
CA ILE D 150 -30.41 -33.02 -16.46
C ILE D 150 -29.42 -32.92 -15.29
N GLY D 151 -28.83 -34.05 -14.91
CA GLY D 151 -27.89 -34.12 -13.81
C GLY D 151 -27.88 -35.49 -13.12
N GLU D 152 -27.32 -35.55 -11.93
CA GLU D 152 -27.38 -36.78 -11.12
C GLU D 152 -27.69 -36.39 -9.67
N ASP D 153 -28.25 -37.33 -8.91
CA ASP D 153 -28.55 -37.18 -7.48
C ASP D 153 -29.39 -35.95 -7.14
N GLU D 154 -30.33 -35.59 -8.01
CA GLU D 154 -31.19 -34.44 -7.75
C GLU D 154 -30.45 -33.10 -7.78
N LEU D 155 -29.18 -33.11 -8.17
CA LEU D 155 -28.45 -31.84 -8.40
C LEU D 155 -28.09 -31.65 -9.90
N PRO D 156 -28.21 -30.41 -10.41
CA PRO D 156 -28.18 -30.14 -11.87
C PRO D 156 -26.78 -30.36 -12.48
N ALA D 157 -26.70 -30.78 -13.76
CA ALA D 157 -25.40 -30.81 -14.45
C ALA D 157 -24.80 -29.41 -14.43
N PRO D 158 -23.47 -29.32 -14.40
CA PRO D 158 -22.94 -27.96 -14.29
C PRO D 158 -23.12 -27.19 -15.61
N THR D 159 -23.34 -25.87 -15.56
CA THR D 159 -23.18 -25.08 -16.78
C THR D 159 -21.68 -24.90 -17.20
N LEU D 160 -21.48 -24.47 -18.44
CA LEU D 160 -20.14 -24.16 -18.94
C LEU D 160 -19.45 -23.13 -18.02
N VAL D 161 -20.15 -22.10 -17.56
CA VAL D 161 -19.50 -21.13 -16.65
C VAL D 161 -19.05 -21.74 -15.34
N GLU D 162 -19.88 -22.64 -14.80
CA GLU D 162 -19.60 -23.35 -13.53
C GLU D 162 -18.41 -24.25 -13.66
N LEU D 163 -18.29 -24.89 -14.83
CA LEU D 163 -17.16 -25.73 -15.18
C LEU D 163 -15.82 -24.98 -15.21
N GLY D 164 -15.79 -23.80 -15.84
CA GLY D 164 -14.57 -22.95 -15.86
C GLY D 164 -13.24 -23.62 -16.16
N ARG D 165 -12.28 -23.43 -15.25
CA ARG D 165 -10.93 -24.04 -15.31
C ARG D 165 -10.93 -25.51 -15.68
N GLU D 166 -11.96 -26.23 -15.25
CA GLU D 166 -12.02 -27.67 -15.47
C GLU D 166 -12.13 -28.03 -16.94
N LEU D 167 -12.67 -27.11 -17.73
CA LEU D 167 -12.74 -27.27 -19.18
C LEU D 167 -11.36 -27.47 -19.82
N LYS D 168 -10.30 -27.06 -19.13
CA LYS D 168 -8.92 -27.23 -19.59
C LYS D 168 -8.43 -28.68 -19.48
N GLU D 169 -9.04 -29.49 -18.62
CA GLU D 169 -8.70 -30.90 -18.58
C GLU D 169 -9.65 -31.78 -19.39
N LEU D 170 -10.67 -31.13 -19.97
CA LEU D 170 -11.61 -31.79 -20.85
C LEU D 170 -11.20 -31.55 -22.31
N ASP D 171 -11.95 -32.13 -23.23
CA ASP D 171 -11.74 -31.90 -24.65
C ASP D 171 -12.51 -30.66 -25.08
N VAL D 172 -11.91 -29.51 -24.81
CA VAL D 172 -12.57 -28.25 -25.00
C VAL D 172 -12.84 -28.03 -26.48
N GLU D 173 -11.98 -28.58 -27.34
CA GLU D 173 -12.20 -28.46 -28.78
C GLU D 173 -13.43 -29.25 -29.23
N GLY D 174 -13.58 -30.47 -28.71
CA GLY D 174 -14.76 -31.27 -29.05
C GLY D 174 -16.00 -30.68 -28.40
N ILE D 175 -15.84 -30.12 -27.20
CA ILE D 175 -17.00 -29.47 -26.57
C ILE D 175 -17.53 -28.32 -27.41
N PHE D 176 -16.62 -27.46 -27.89
CA PHE D 176 -16.97 -26.44 -28.87
C PHE D 176 -17.62 -26.99 -30.13
N ASN D 177 -17.12 -28.10 -30.64
CA ASN D 177 -17.70 -28.64 -31.86
C ASN D 177 -19.09 -29.21 -31.62
N ASP D 178 -19.31 -29.63 -30.39
CA ASP D 178 -20.60 -30.15 -29.94
C ASP D 178 -21.62 -28.96 -29.96
N VAL D 179 -21.23 -27.80 -29.40
CA VAL D 179 -22.08 -26.62 -29.38
C VAL D 179 -22.41 -26.18 -30.78
N VAL D 180 -21.40 -26.06 -31.64
CA VAL D 180 -21.64 -25.64 -33.03
C VAL D 180 -22.65 -26.57 -33.76
N GLU D 181 -22.43 -27.88 -33.65
CA GLU D 181 -23.30 -28.87 -34.25
C GLU D 181 -24.76 -28.79 -33.74
N ASN D 182 -24.94 -28.53 -32.45
CA ASN D 182 -26.25 -28.19 -31.93
C ASN D 182 -26.82 -26.85 -32.41
N VAL D 183 -26.00 -25.81 -32.57
CA VAL D 183 -26.52 -24.57 -33.18
C VAL D 183 -26.88 -24.86 -34.65
N LYS D 184 -26.12 -25.73 -35.30
CA LYS D 184 -26.38 -26.05 -36.69
C LYS D 184 -27.72 -26.76 -36.84
N ARG D 185 -27.90 -27.78 -36.01
CA ARG D 185 -29.10 -28.61 -36.07
C ARG D 185 -30.31 -27.73 -35.73
N LEU D 186 -30.14 -26.84 -34.76
CA LEU D 186 -31.20 -25.90 -34.35
C LEU D 186 -31.66 -24.93 -35.43
N TYR D 187 -30.68 -24.43 -36.18
CA TYR D 187 -30.97 -23.50 -37.26
C TYR D 187 -31.59 -24.28 -38.42
N GLN D 188 -30.93 -25.33 -38.86
CA GLN D 188 -31.30 -26.00 -40.12
C GLN D 188 -32.48 -26.94 -39.96
N GLU D 189 -32.53 -27.67 -38.85
CA GLU D 189 -33.62 -28.63 -38.64
C GLU D 189 -34.77 -28.11 -37.79
N ALA D 190 -34.47 -27.41 -36.68
CA ALA D 190 -35.56 -26.88 -35.86
C ALA D 190 -36.06 -25.58 -36.44
N GLU D 191 -35.21 -24.91 -37.21
CA GLU D 191 -35.56 -23.60 -37.74
C GLU D 191 -35.80 -22.59 -36.60
N LEU D 192 -34.88 -22.59 -35.64
CA LEU D 192 -34.87 -21.62 -34.51
C LEU D 192 -33.48 -21.00 -34.31
N VAL D 193 -33.46 -19.78 -33.78
CA VAL D 193 -32.25 -19.15 -33.19
C VAL D 193 -32.48 -19.05 -31.65
N HIS D 194 -31.66 -19.73 -30.85
CA HIS D 194 -31.74 -19.66 -29.38
C HIS D 194 -31.90 -18.23 -28.86
N ALA D 195 -31.00 -17.33 -29.31
CA ALA D 195 -31.09 -15.92 -28.96
C ALA D 195 -30.64 -15.54 -27.54
N ASP D 196 -30.27 -16.50 -26.71
CA ASP D 196 -29.58 -16.20 -25.44
C ASP D 196 -28.56 -17.27 -25.16
N LEU D 197 -27.85 -17.70 -26.22
CA LEU D 197 -26.83 -18.76 -26.12
C LEU D 197 -25.49 -18.24 -25.62
N SER D 198 -25.02 -18.85 -24.53
CA SER D 198 -23.80 -18.44 -23.86
C SER D 198 -23.44 -19.51 -22.87
N GLU D 199 -22.34 -19.28 -22.17
CA GLU D 199 -21.82 -20.25 -21.23
C GLU D 199 -22.72 -20.46 -19.98
N TYR D 200 -23.63 -19.52 -19.74
CA TYR D 200 -24.56 -19.60 -18.62
C TYR D 200 -25.80 -20.44 -18.92
N ASN D 201 -26.01 -20.71 -20.20
CA ASN D 201 -27.21 -21.39 -20.66
C ASN D 201 -26.91 -22.71 -21.37
N ILE D 202 -25.75 -23.30 -21.10
CA ILE D 202 -25.38 -24.56 -21.71
C ILE D 202 -24.84 -25.47 -20.63
N MSE D 203 -25.48 -26.62 -20.43
CA MSE D 203 -25.01 -27.61 -19.47
C MSE D 203 -24.17 -28.70 -20.10
O MSE D 203 -24.20 -28.89 -21.32
CB MSE D 203 -26.21 -28.24 -18.74
CG MSE D 203 -26.98 -27.26 -17.86
SE MSE D 203 -28.44 -28.19 -16.88
CE MSE D 203 -29.58 -28.51 -18.29
N TYR D 204 -23.44 -29.45 -19.27
CA TYR D 204 -22.54 -30.47 -19.78
C TYR D 204 -22.33 -31.63 -18.84
N ILE D 205 -22.81 -32.73 -19.29
CA ILE D 205 -22.39 -34.09 -18.74
C ILE D 205 -22.12 -34.95 -20.00
N ASP D 206 -20.93 -35.41 -20.20
CA ASP D 206 -20.61 -36.28 -21.33
C ASP D 206 -20.86 -35.57 -22.68
N LYS D 207 -21.97 -34.84 -22.84
CA LYS D 207 -22.23 -34.02 -24.02
C LYS D 207 -22.86 -32.73 -23.53
N VAL D 208 -23.02 -31.75 -24.41
CA VAL D 208 -23.68 -30.50 -24.01
C VAL D 208 -25.19 -30.59 -24.16
N TYR D 209 -25.86 -29.71 -23.43
CA TYR D 209 -27.29 -29.49 -23.45
C TYR D 209 -27.57 -28.03 -23.51
N PHE D 210 -28.56 -27.63 -24.30
CA PHE D 210 -29.01 -26.25 -24.32
C PHE D 210 -30.26 -26.16 -23.50
N ILE D 211 -30.39 -25.04 -22.77
CA ILE D 211 -31.62 -24.77 -22.03
C ILE D 211 -31.91 -23.29 -22.13
N ASP D 212 -33.03 -22.91 -21.53
CA ASP D 212 -33.50 -21.55 -21.35
C ASP D 212 -33.81 -21.06 -22.76
N MSE D 213 -35.08 -21.23 -23.13
CA MSE D 213 -35.52 -21.16 -24.51
C MSE D 213 -36.82 -20.42 -24.75
O MSE D 213 -37.32 -20.49 -25.85
CB MSE D 213 -35.57 -22.57 -25.13
CG MSE D 213 -34.20 -23.18 -25.24
SE MSE D 213 -33.94 -24.47 -26.69
CE MSE D 213 -34.38 -23.29 -28.25
N GLY D 214 -37.37 -19.75 -23.73
CA GLY D 214 -38.55 -18.87 -23.90
C GLY D 214 -38.34 -17.80 -24.98
N GLN D 215 -37.11 -17.29 -25.10
CA GLN D 215 -36.82 -16.25 -26.10
C GLN D 215 -36.43 -16.72 -27.52
N ALA D 216 -36.18 -18.02 -27.73
CA ALA D 216 -35.74 -18.50 -29.02
C ALA D 216 -36.81 -18.20 -30.07
N VAL D 217 -36.38 -17.71 -31.24
CA VAL D 217 -37.38 -17.30 -32.25
C VAL D 217 -37.24 -18.12 -33.52
N THR D 218 -38.27 -18.10 -34.36
CA THR D 218 -38.20 -18.81 -35.64
C THR D 218 -37.33 -18.04 -36.63
N LEU D 219 -36.91 -18.74 -37.67
CA LEU D 219 -36.11 -18.18 -38.76
C LEU D 219 -36.78 -16.98 -39.41
N ARG D 220 -38.09 -16.88 -39.26
CA ARG D 220 -38.90 -15.80 -39.86
C ARG D 220 -38.93 -14.51 -39.06
N HIS D 221 -38.60 -14.59 -37.77
CA HIS D 221 -38.48 -13.39 -36.96
C HIS D 221 -37.50 -12.39 -37.57
N PRO D 222 -37.89 -11.10 -37.65
CA PRO D 222 -37.04 -10.07 -38.28
C PRO D 222 -35.63 -9.99 -37.71
N MSE D 223 -35.52 -10.31 -36.43
CA MSE D 223 -34.28 -10.21 -35.67
C MSE D 223 -33.52 -11.51 -35.56
O MSE D 223 -32.48 -11.56 -34.91
CB MSE D 223 -34.61 -9.69 -34.29
CG MSE D 223 -35.12 -8.28 -34.32
SE MSE D 223 -33.55 -7.17 -34.54
CE MSE D 223 -33.09 -7.06 -32.61
N ALA D 224 -34.03 -12.55 -36.20
CA ALA D 224 -33.44 -13.87 -36.09
C ALA D 224 -31.96 -13.82 -36.45
N GLU D 225 -31.64 -13.07 -37.52
CA GLU D 225 -30.30 -12.98 -38.14
C GLU D 225 -29.34 -12.35 -37.11
N SER D 226 -29.78 -11.24 -36.53
CA SER D 226 -29.04 -10.47 -35.52
C SER D 226 -28.74 -11.32 -34.29
N TYR D 227 -29.77 -12.03 -33.80
CA TYR D 227 -29.64 -12.88 -32.63
C TYR D 227 -28.70 -14.03 -32.86
N LEU D 228 -28.72 -14.62 -34.06
CA LEU D 228 -27.81 -15.75 -34.35
C LEU D 228 -26.35 -15.28 -34.36
N GLU D 229 -26.10 -14.08 -34.90
CA GLU D 229 -24.73 -13.59 -34.97
C GLU D 229 -24.23 -13.30 -33.57
N ARG D 230 -25.12 -12.80 -32.70
CA ARG D 230 -24.83 -12.57 -31.29
C ARG D 230 -24.49 -13.88 -30.53
N ASP D 231 -25.37 -14.89 -30.62
CA ASP D 231 -25.06 -16.25 -30.21
C ASP D 231 -23.69 -16.71 -30.72
N VAL D 232 -23.40 -16.47 -32.00
CA VAL D 232 -22.13 -16.97 -32.59
C VAL D 232 -20.96 -16.22 -31.96
N ARG D 233 -21.10 -14.92 -31.76
CA ARG D 233 -20.01 -14.17 -31.11
C ARG D 233 -19.79 -14.58 -29.66
N ASN D 234 -20.89 -14.80 -28.91
CA ASN D 234 -20.80 -15.20 -27.50
C ASN D 234 -20.04 -16.52 -27.37
N ILE D 235 -20.25 -17.41 -28.32
CA ILE D 235 -19.64 -18.75 -28.26
C ILE D 235 -18.14 -18.71 -28.60
N ILE D 236 -17.79 -18.03 -29.70
CA ILE D 236 -16.39 -17.78 -30.03
C ILE D 236 -15.65 -17.15 -28.85
N ARG D 237 -16.18 -16.09 -28.30
CA ARG D 237 -15.43 -15.41 -27.26
C ARG D 237 -15.21 -16.24 -26.01
N PHE D 238 -16.25 -16.96 -25.54
CA PHE D 238 -16.09 -17.87 -24.41
C PHE D 238 -15.06 -18.95 -24.68
N PHE D 239 -15.12 -19.57 -25.85
CA PHE D 239 -14.15 -20.64 -26.14
C PHE D 239 -12.71 -20.15 -26.41
N SER D 240 -12.55 -18.90 -26.87
CA SER D 240 -11.23 -18.24 -26.95
C SER D 240 -10.45 -18.24 -25.64
N LYS D 241 -11.16 -18.13 -24.51
CA LYS D 241 -10.53 -18.16 -23.17
C LYS D 241 -9.87 -19.52 -22.91
N TYR D 242 -10.28 -20.55 -23.66
CA TYR D 242 -9.76 -21.90 -23.50
C TYR D 242 -8.92 -22.42 -24.66
N GLY D 243 -8.52 -21.52 -25.53
CA GLY D 243 -7.64 -21.90 -26.60
C GLY D 243 -8.32 -22.48 -27.82
N VAL D 244 -9.65 -22.39 -27.91
CA VAL D 244 -10.31 -22.74 -29.16
C VAL D 244 -10.31 -21.55 -30.11
N LYS D 245 -9.67 -21.73 -31.26
CA LYS D 245 -9.56 -20.68 -32.25
C LYS D 245 -10.66 -20.89 -33.25
N ALA D 246 -11.41 -19.83 -33.54
CA ALA D 246 -12.50 -19.95 -34.47
C ALA D 246 -12.77 -18.65 -35.19
N ASP D 247 -13.23 -18.76 -36.43
CA ASP D 247 -13.60 -17.58 -37.20
C ASP D 247 -15.12 -17.42 -37.24
N PHE D 248 -15.53 -16.20 -36.94
CA PHE D 248 -16.90 -15.78 -37.00
C PHE D 248 -17.63 -16.14 -38.32
N GLU D 249 -17.05 -15.73 -39.46
CA GLU D 249 -17.67 -15.94 -40.75
C GLU D 249 -17.78 -17.44 -41.05
N GLU D 250 -16.69 -18.18 -40.83
CA GLU D 250 -16.71 -19.65 -40.95
C GLU D 250 -17.84 -20.33 -40.11
N MSE D 251 -17.92 -20.01 -38.83
CA MSE D 251 -18.94 -20.62 -37.95
C MSE D 251 -20.37 -20.27 -38.38
O MSE D 251 -21.28 -21.09 -38.34
CB MSE D 251 -18.71 -20.25 -36.47
CG MSE D 251 -17.47 -20.95 -35.86
SE MSE D 251 -16.92 -22.84 -36.38
CE MSE D 251 -18.60 -23.69 -36.90
N LEU D 252 -20.54 -19.03 -38.83
CA LEU D 252 -21.83 -18.54 -39.26
C LEU D 252 -22.34 -19.24 -40.52
N LYS D 253 -21.45 -19.48 -41.48
CA LYS D 253 -21.85 -20.20 -42.69
C LYS D 253 -21.96 -21.69 -42.45
N GLU D 254 -21.31 -22.16 -41.42
CA GLU D 254 -21.34 -23.57 -41.13
C GLU D 254 -22.68 -23.94 -40.42
N VAL D 255 -23.17 -23.04 -39.60
CA VAL D 255 -24.48 -23.16 -38.94
C VAL D 255 -25.60 -23.03 -39.98
N LYS D 256 -25.49 -21.99 -40.82
CA LYS D 256 -26.47 -21.74 -41.87
C LYS D 256 -26.16 -22.54 -43.15
N GLY D 257 -26.95 -22.38 -44.20
CA GLY D 257 -26.74 -23.16 -45.44
C GLY D 257 -25.35 -23.24 -46.09
MN MN E . 29.76 20.50 19.36
PG ATP F . 34.20 19.85 20.67
O1G ATP F . 35.62 19.92 21.01
O2G ATP F . 34.02 19.01 19.38
O3G ATP F . 33.89 21.31 20.40
PB ATP F . 31.64 19.74 22.01
O1B ATP F . 30.74 19.35 20.91
O2B ATP F . 31.05 19.31 23.36
O3B ATP F . 33.17 19.19 21.80
PA ATP F . 30.97 22.53 21.65
O1A ATP F . 31.87 23.62 21.17
O2A ATP F . 29.86 22.10 20.63
O3A ATP F . 31.97 21.33 21.99
O5' ATP F . 30.28 23.05 22.97
C5' ATP F . 29.50 22.19 23.83
C4' ATP F . 28.27 22.92 24.35
O4' ATP F . 28.60 24.06 25.19
C3' ATP F . 27.45 23.49 23.20
O3' ATP F . 26.45 22.61 22.71
C2' ATP F . 26.76 24.67 23.81
O2' ATP F . 25.59 24.22 24.47
C1' ATP F . 27.72 25.15 24.88
N9 ATP F . 28.50 26.26 24.38
C8 ATP F . 29.62 26.16 23.55
N7 ATP F . 30.05 27.40 23.31
C5 ATP F . 29.21 28.30 23.90
C6 ATP F . 29.15 29.69 23.99
N6 ATP F . 30.03 30.47 23.37
N1 ATP F . 28.15 30.28 24.74
C2 ATP F . 27.22 29.56 25.43
N3 ATP F . 27.28 28.21 25.34
C4 ATP F . 28.25 27.59 24.61
MN MN G . 17.72 15.75 -9.67
PG ATP H . 13.23 16.35 -9.24
O1G ATP H . 12.07 17.28 -9.14
O2G ATP H . 14.14 17.00 -10.32
O3G ATP H . 12.63 15.08 -9.81
PB ATP H . 15.38 15.74 -7.35
O1B ATP H . 16.44 16.40 -8.11
O2B ATP H . 15.75 15.82 -5.86
O3B ATP H . 13.92 16.34 -7.72
PA ATP H . 16.17 13.12 -8.40
O1A ATP H . 15.42 12.19 -9.30
O2A ATP H . 17.39 13.81 -9.03
O3A ATP H . 15.16 14.21 -7.75
O5' ATP H . 16.60 12.13 -7.18
C5' ATP H . 17.11 12.70 -6.00
C4' ATP H . 18.27 11.93 -5.44
O4' ATP H . 17.83 10.68 -4.92
C3' ATP H . 19.33 11.64 -6.51
O3' ATP H . 20.26 12.70 -6.63
C2' ATP H . 19.92 10.35 -6.00
O2' ATP H . 20.96 10.65 -5.09
C1' ATP H . 18.73 9.67 -5.30
N9 ATP H . 18.11 8.78 -6.29
C8 ATP H . 17.24 9.11 -7.31
N7 ATP H . 16.98 7.96 -8.03
C5 ATP H . 17.71 6.93 -7.50
C6 ATP H . 17.82 5.57 -7.80
N6 ATP H . 17.12 5.00 -8.78
N1 ATP H . 18.64 4.78 -7.02
C2 ATP H . 19.34 5.32 -5.93
N3 ATP H . 19.25 6.67 -5.65
C4 ATP H . 18.43 7.46 -6.40
MN MN I . -17.16 -17.80 10.45
PG ATP J . -12.98 -19.73 11.81
O1G ATP J . -12.63 -18.45 11.19
O2G ATP J . -11.62 -20.24 12.35
O3G ATP J . -13.53 -20.79 10.81
PB ATP J . -15.40 -18.86 13.08
O1B ATP J . -16.33 -19.11 11.94
O2B ATP J . -16.12 -19.10 14.39
O3B ATP J . -14.05 -19.69 13.03
PA ATP J . -15.69 -15.94 12.78
O1A ATP J . -14.63 -15.00 12.30
O2A ATP J . -16.86 -16.10 11.77
O3A ATP J . -14.91 -17.34 13.00
O5' ATP J . -16.15 -15.34 14.16
C5' ATP J . -17.17 -16.05 14.86
C4' ATP J . -18.08 -15.08 15.55
O4' ATP J . -17.32 -14.22 16.40
C3' ATP J . -18.89 -14.12 14.66
O3' ATP J . -20.08 -14.66 14.14
C2' ATP J . -19.22 -13.02 15.64
O2' ATP J . -20.19 -13.55 16.50
C1' ATP J . -17.93 -12.92 16.43
N9 ATP J . -17.03 -11.95 15.80
C8 ATP J . -16.03 -12.25 14.90
N7 ATP J . -15.40 -11.09 14.60
C5 ATP J . -15.96 -10.06 15.30
C6 ATP J . -15.72 -8.69 15.37
N6 ATP J . -14.75 -8.09 14.67
N1 ATP J . -16.48 -7.90 16.22
C2 ATP J . -17.48 -8.45 16.97
N3 ATP J . -17.72 -9.80 16.86
C4 ATP J . -16.98 -10.60 16.06
MN MN K . -30.52 -18.93 -18.13
PG ATP L . -35.32 -17.46 -16.96
O1G ATP L . -36.73 -17.49 -16.44
O2G ATP L . -35.04 -16.02 -17.45
O3G ATP L . -35.21 -18.47 -18.13
PB ATP L . -32.92 -18.52 -15.76
O1B ATP L . -31.93 -17.82 -16.64
O2B ATP L . -32.40 -18.53 -14.29
O3B ATP L . -34.35 -17.76 -15.70
PA ATP L . -32.49 -21.29 -16.74
O1A ATP L . -33.39 -22.07 -17.67
O2A ATP L . -31.21 -20.87 -17.41
O3A ATP L . -33.32 -20.01 -16.15
O5' ATP L . -32.16 -22.31 -15.56
C5' ATP L . -31.37 -21.90 -14.42
C4' ATP L . -30.60 -23.08 -13.83
O4' ATP L . -31.48 -24.08 -13.33
C3' ATP L . -29.70 -23.80 -14.80
O3' ATP L . -28.43 -23.20 -14.82
C2' ATP L . -29.61 -25.17 -14.19
O2' ATP L . -28.66 -25.15 -13.17
C1' ATP L . -30.98 -25.37 -13.57
N9 ATP L . -31.80 -26.04 -14.59
C8 ATP L . -32.56 -25.42 -15.55
N7 ATP L . -33.08 -26.40 -16.34
C5 ATP L . -32.69 -27.61 -15.88
C6 ATP L . -32.97 -28.91 -16.31
N6 ATP L . -33.89 -29.18 -17.26
N1 ATP L . -32.40 -29.94 -15.61
C2 ATP L . -31.58 -29.69 -14.50
N3 ATP L . -31.29 -28.39 -14.09
C4 ATP L . -31.85 -27.38 -14.77
#